data_3O3W
#
_entry.id   3O3W
#
_cell.length_a   114.239
_cell.length_b   114.239
_cell.length_c   85.452
_cell.angle_alpha   90.000
_cell.angle_beta   90.000
_cell.angle_gamma   120.000
#
_symmetry.space_group_name_H-M   'P 31'
#
loop_
_entity.id
_entity.type
_entity.pdbx_description
1 polymer 'BH2092 protein'
2 water water
#
_entity_poly.entity_id   1
_entity_poly.type   'polypeptide(L)'
_entity_poly.pdbx_seq_one_letter_code
;EPANPNEAYRHY(MSE)KKLSYETDIADLSIDIKKGYEGIIVVDVRDAEAYKECHIPTAISIPGNKINEDTTKRLSKEKV
IITYCWGPACNGATKAAAKFAQLGFRVKELIGGIEYWRKENGLEHHHHHH
;
_entity_poly.pdbx_strand_id   A,B,C,D,E,F,G,H,I
#
# COMPACT_ATOMS: atom_id res chain seq x y z
N GLU A 1 -8.49 5.24 35.13
CA GLU A 1 -7.68 4.89 33.89
C GLU A 1 -8.26 3.82 32.97
N PRO A 2 -8.15 4.06 31.64
CA PRO A 2 -8.66 3.10 30.65
C PRO A 2 -7.87 1.78 30.78
N ALA A 3 -7.80 0.98 29.73
CA ALA A 3 -7.10 -0.28 29.85
C ALA A 3 -5.82 -0.41 29.06
N ASN A 4 -4.94 -1.31 29.55
CA ASN A 4 -3.65 -1.57 28.91
C ASN A 4 -3.71 -2.01 27.45
N PRO A 5 -2.74 -1.57 26.64
CA PRO A 5 -2.84 -1.98 25.24
C PRO A 5 -3.18 -3.43 24.95
N ASN A 6 -2.42 -4.36 25.50
CA ASN A 6 -2.65 -5.78 25.24
C ASN A 6 -3.98 -6.28 25.78
N GLU A 7 -4.30 -5.88 27.01
CA GLU A 7 -5.54 -6.28 27.64
C GLU A 7 -6.71 -5.80 26.79
N ALA A 8 -6.63 -4.54 26.36
CA ALA A 8 -7.66 -3.93 25.53
C ALA A 8 -7.83 -4.69 24.21
N TYR A 9 -6.70 -4.95 23.53
CA TYR A 9 -6.76 -5.66 22.27
C TYR A 9 -7.53 -6.97 22.40
N ARG A 10 -7.20 -7.77 23.42
CA ARG A 10 -7.90 -9.04 23.61
C ARG A 10 -9.35 -8.83 23.89
N HIS A 11 -9.66 -7.79 24.65
CA HIS A 11 -11.04 -7.50 24.98
C HIS A 11 -11.87 -7.21 23.73
N TYR A 12 -11.41 -6.25 22.92
CA TYR A 12 -12.10 -5.86 21.70
C TYR A 12 -12.17 -6.99 20.67
N MSE A 13 -11.11 -7.80 20.62
CA MSE A 13 -11.08 -8.91 19.70
C MSE A 13 -12.13 -9.94 20.10
O MSE A 13 -12.93 -10.38 19.27
CB MSE A 13 -9.69 -9.54 19.67
CG MSE A 13 -8.65 -8.77 18.85
SE MSE A 13 -9.17 -8.35 16.98
CE MSE A 13 -9.92 -10.08 16.44
N LYS A 14 -12.14 -10.34 21.36
CA LYS A 14 -13.13 -11.30 21.84
C LYS A 14 -14.55 -10.81 21.63
N LYS A 15 -14.79 -9.56 21.98
CA LYS A 15 -16.11 -8.96 21.83
C LYS A 15 -16.58 -9.14 20.39
N LEU A 16 -15.70 -8.82 19.44
CA LEU A 16 -16.04 -8.95 18.03
C LEU A 16 -16.34 -10.38 17.63
N SER A 17 -15.80 -11.35 18.36
CA SER A 17 -16.04 -12.75 18.05
C SER A 17 -17.36 -13.29 18.61
N TYR A 18 -17.92 -12.55 19.56
CA TYR A 18 -19.15 -12.95 20.19
C TYR A 18 -20.38 -12.29 19.56
N GLU A 19 -20.20 -11.10 19.03
CA GLU A 19 -21.31 -10.38 18.45
C GLU A 19 -21.06 -9.93 17.01
N THR A 20 -22.12 -9.61 16.31
CA THR A 20 -22.04 -9.14 14.94
C THR A 20 -22.99 -7.98 14.75
N ASP A 21 -22.74 -7.13 13.75
CA ASP A 21 -23.61 -6.00 13.53
C ASP A 21 -24.44 -6.14 12.27
N ILE A 22 -25.34 -5.18 12.05
CA ILE A 22 -26.22 -5.19 10.88
C ILE A 22 -25.46 -5.18 9.55
N ALA A 23 -24.45 -4.33 9.46
CA ALA A 23 -23.68 -4.23 8.24
C ALA A 23 -23.06 -5.55 7.82
N ASP A 24 -22.25 -6.13 8.69
CA ASP A 24 -21.57 -7.40 8.41
C ASP A 24 -22.53 -8.52 8.04
N LEU A 25 -23.62 -8.65 8.81
CA LEU A 25 -24.63 -9.68 8.58
C LEU A 25 -25.28 -9.41 7.22
N SER A 26 -25.60 -8.15 6.98
CA SER A 26 -26.21 -7.73 5.74
C SER A 26 -25.35 -8.13 4.52
N ILE A 27 -24.05 -7.88 4.59
CA ILE A 27 -23.18 -8.23 3.48
C ILE A 27 -23.17 -9.74 3.23
N ASP A 28 -23.07 -10.53 4.30
CA ASP A 28 -23.06 -11.99 4.16
C ASP A 28 -24.27 -12.51 3.43
N ILE A 29 -25.45 -12.10 3.87
CA ILE A 29 -26.70 -12.54 3.24
C ILE A 29 -26.79 -12.15 1.77
N LYS A 30 -26.50 -10.88 1.50
CA LYS A 30 -26.56 -10.34 0.16
C LYS A 30 -25.85 -11.26 -0.83
N LYS A 31 -24.58 -11.56 -0.54
CA LYS A 31 -23.80 -12.42 -1.41
C LYS A 31 -24.02 -13.87 -1.04
N GLY A 32 -25.14 -14.11 -0.36
CA GLY A 32 -25.54 -15.46 0.01
C GLY A 32 -24.43 -16.39 0.47
N TYR A 33 -23.91 -16.07 1.64
CA TYR A 33 -22.85 -16.84 2.26
C TYR A 33 -23.53 -18.01 2.94
N GLU A 34 -23.16 -19.21 2.51
CA GLU A 34 -23.72 -20.45 3.01
C GLU A 34 -22.99 -20.93 4.27
N GLY A 35 -22.20 -20.04 4.87
CA GLY A 35 -21.43 -20.39 6.07
C GLY A 35 -22.08 -19.95 7.38
N ILE A 36 -23.30 -19.40 7.30
CA ILE A 36 -24.03 -18.96 8.48
C ILE A 36 -25.48 -19.39 8.46
N ILE A 37 -26.08 -19.41 9.64
CA ILE A 37 -27.48 -19.78 9.76
C ILE A 37 -28.15 -18.76 10.68
N VAL A 38 -28.85 -17.80 10.08
CA VAL A 38 -29.54 -16.77 10.85
C VAL A 38 -30.81 -17.33 11.47
N VAL A 39 -30.87 -17.34 12.81
CA VAL A 39 -32.01 -17.87 13.54
C VAL A 39 -32.78 -16.79 14.27
N ASP A 40 -34.10 -16.84 14.12
CA ASP A 40 -34.99 -15.87 14.76
C ASP A 40 -35.51 -16.49 16.06
N VAL A 41 -35.12 -15.89 17.18
CA VAL A 41 -35.50 -16.37 18.51
C VAL A 41 -36.89 -15.90 18.98
N ARG A 42 -37.48 -14.94 18.26
CA ARG A 42 -38.80 -14.43 18.61
C ARG A 42 -39.88 -15.51 18.45
N ASP A 43 -41.10 -15.22 18.90
CA ASP A 43 -42.19 -16.17 18.78
C ASP A 43 -42.53 -16.44 17.32
N ALA A 44 -43.15 -17.59 17.07
CA ALA A 44 -43.53 -18.01 15.72
C ALA A 44 -44.38 -16.97 15.01
N GLU A 45 -45.32 -16.37 15.74
CA GLU A 45 -46.18 -15.37 15.14
C GLU A 45 -45.37 -14.16 14.66
N ALA A 46 -44.46 -13.66 15.49
CA ALA A 46 -43.62 -12.52 15.13
C ALA A 46 -42.82 -12.83 13.88
N TYR A 47 -42.29 -14.03 13.79
CA TYR A 47 -41.50 -14.43 12.63
C TYR A 47 -42.35 -14.52 11.36
N LYS A 48 -43.61 -14.92 11.49
CA LYS A 48 -44.46 -15.05 10.32
C LYS A 48 -44.92 -13.67 9.81
N GLU A 49 -45.02 -12.68 10.69
CA GLU A 49 -45.42 -11.34 10.26
C GLU A 49 -44.31 -10.69 9.46
N CYS A 50 -43.07 -10.93 9.86
CA CYS A 50 -41.90 -10.41 9.16
C CYS A 50 -40.63 -10.84 9.88
N HIS A 51 -39.55 -11.00 9.14
CA HIS A 51 -38.29 -11.41 9.72
C HIS A 51 -37.12 -11.09 8.79
N ILE A 52 -35.91 -11.19 9.29
CA ILE A 52 -34.73 -10.92 8.48
C ILE A 52 -34.63 -11.97 7.38
N PRO A 53 -34.31 -11.56 6.13
CA PRO A 53 -34.18 -12.42 4.95
C PRO A 53 -33.30 -13.64 5.15
N THR A 54 -33.79 -14.79 4.72
CA THR A 54 -33.06 -16.05 4.81
C THR A 54 -32.92 -16.58 6.23
N ALA A 55 -33.66 -16.00 7.17
CA ALA A 55 -33.56 -16.45 8.57
C ALA A 55 -34.55 -17.56 8.86
N ILE A 56 -34.18 -18.49 9.73
CA ILE A 56 -35.08 -19.58 10.08
C ILE A 56 -35.74 -19.28 11.42
N SER A 57 -36.85 -19.94 11.72
CA SER A 57 -37.57 -19.70 12.97
C SER A 57 -37.34 -20.80 14.04
N ILE A 58 -36.81 -20.39 15.18
CA ILE A 58 -36.60 -21.32 16.28
C ILE A 58 -36.73 -20.57 17.59
N PRO A 59 -37.97 -20.46 18.11
CA PRO A 59 -38.22 -19.75 19.37
C PRO A 59 -37.24 -20.12 20.50
N GLY A 60 -36.77 -19.10 21.21
CA GLY A 60 -35.82 -19.28 22.29
C GLY A 60 -36.03 -20.41 23.28
N ASN A 61 -37.16 -20.41 23.95
CA ASN A 61 -37.44 -21.47 24.93
C ASN A 61 -37.86 -22.76 24.22
N LYS A 62 -37.37 -22.96 23.01
CA LYS A 62 -37.72 -24.14 22.24
C LYS A 62 -36.47 -24.66 21.57
N ILE A 63 -35.33 -24.10 21.94
CA ILE A 63 -34.04 -24.52 21.39
C ILE A 63 -33.50 -25.75 22.12
N ASN A 64 -33.38 -26.85 21.38
CA ASN A 64 -32.87 -28.12 21.92
C ASN A 64 -32.28 -28.95 20.79
N GLU A 65 -31.95 -30.19 21.08
CA GLU A 65 -31.37 -31.06 20.07
C GLU A 65 -32.38 -31.57 19.05
N ASP A 66 -33.66 -31.49 19.39
CA ASP A 66 -34.70 -31.92 18.47
C ASP A 66 -34.88 -30.89 17.38
N THR A 67 -34.68 -29.62 17.73
CA THR A 67 -34.83 -28.53 16.78
C THR A 67 -33.53 -28.11 16.12
N THR A 68 -32.41 -28.66 16.57
CA THR A 68 -31.14 -28.29 15.98
C THR A 68 -30.42 -29.48 15.33
N LYS A 69 -31.12 -30.62 15.23
CA LYS A 69 -30.53 -31.81 14.62
C LYS A 69 -30.30 -31.64 13.11
N ARG A 70 -31.17 -30.88 12.44
CA ARG A 70 -31.04 -30.63 11.02
C ARG A 70 -30.07 -29.48 10.71
N LEU A 71 -29.60 -28.79 11.75
CA LEU A 71 -28.67 -27.69 11.55
C LEU A 71 -27.22 -28.17 11.54
N SER A 72 -26.44 -27.70 10.55
CA SER A 72 -25.04 -28.09 10.41
C SER A 72 -24.10 -27.41 11.41
N LYS A 73 -23.37 -28.20 12.21
CA LYS A 73 -22.45 -27.60 13.17
C LYS A 73 -21.21 -27.08 12.45
N GLU A 74 -21.25 -27.16 11.13
CA GLU A 74 -20.14 -26.67 10.31
C GLU A 74 -20.35 -25.17 10.06
N LYS A 75 -21.58 -24.71 10.26
CA LYS A 75 -21.90 -23.31 10.04
C LYS A 75 -21.96 -22.52 11.35
N VAL A 76 -21.95 -21.20 11.24
CA VAL A 76 -22.00 -20.33 12.43
C VAL A 76 -23.42 -19.85 12.66
N ILE A 77 -23.99 -20.16 13.81
CA ILE A 77 -25.35 -19.71 14.11
C ILE A 77 -25.37 -18.25 14.51
N ILE A 78 -26.34 -17.51 13.99
CA ILE A 78 -26.48 -16.10 14.34
C ILE A 78 -27.88 -15.84 14.87
N THR A 79 -28.01 -15.68 16.18
CA THR A 79 -29.31 -15.45 16.78
C THR A 79 -29.64 -13.96 16.84
N TYR A 80 -30.92 -13.63 16.91
CA TYR A 80 -31.37 -12.24 17.01
C TYR A 80 -32.79 -12.17 17.57
N CYS A 81 -33.02 -11.18 18.43
CA CYS A 81 -34.33 -10.98 19.03
C CYS A 81 -34.93 -9.67 18.49
N TRP A 82 -35.76 -9.02 19.29
CA TRP A 82 -36.39 -7.78 18.93
C TRP A 82 -35.46 -6.58 18.86
N GLY A 83 -34.83 -6.23 19.98
CA GLY A 83 -33.94 -5.09 20.01
C GLY A 83 -32.98 -5.08 21.19
N PRO A 84 -32.37 -3.92 21.54
CA PRO A 84 -31.41 -3.80 22.64
C PRO A 84 -31.98 -4.12 24.01
N ALA A 85 -33.29 -3.96 24.17
CA ALA A 85 -33.93 -4.23 25.44
C ALA A 85 -34.24 -5.70 25.64
N CYS A 86 -33.99 -6.52 24.63
CA CYS A 86 -34.28 -7.95 24.75
C CYS A 86 -33.03 -8.81 25.08
N ASN A 87 -33.24 -9.96 25.71
CA ASN A 87 -32.19 -10.90 26.09
C ASN A 87 -32.18 -12.11 25.18
N GLY A 88 -33.29 -12.31 24.47
CA GLY A 88 -33.45 -13.44 23.59
C GLY A 88 -32.21 -13.90 22.88
N ALA A 89 -31.58 -12.99 22.16
CA ALA A 89 -30.38 -13.34 21.41
C ALA A 89 -29.25 -13.90 22.29
N THR A 90 -29.00 -13.26 23.43
CA THR A 90 -27.95 -13.69 24.36
C THR A 90 -28.33 -15.02 24.97
N LYS A 91 -29.55 -15.13 25.49
CA LYS A 91 -30.01 -16.38 26.11
C LYS A 91 -29.87 -17.51 25.09
N ALA A 92 -30.49 -17.34 23.92
CA ALA A 92 -30.45 -18.33 22.85
C ALA A 92 -29.02 -18.69 22.49
N ALA A 93 -28.16 -17.69 22.39
CA ALA A 93 -26.75 -17.92 22.07
C ALA A 93 -26.14 -18.92 23.04
N ALA A 94 -26.51 -18.82 24.32
CA ALA A 94 -26.00 -19.73 25.33
C ALA A 94 -26.44 -21.15 25.03
N LYS A 95 -27.72 -21.32 24.74
CA LYS A 95 -28.26 -22.66 24.46
C LYS A 95 -27.59 -23.29 23.25
N PHE A 96 -27.27 -22.47 22.26
CA PHE A 96 -26.61 -22.98 21.05
C PHE A 96 -25.16 -23.37 21.36
N ALA A 97 -24.47 -22.50 22.08
CA ALA A 97 -23.09 -22.76 22.44
C ALA A 97 -23.05 -24.03 23.31
N GLN A 98 -24.10 -24.23 24.08
CA GLN A 98 -24.16 -25.40 24.95
C GLN A 98 -24.41 -26.67 24.13
N LEU A 99 -25.03 -26.52 22.96
CA LEU A 99 -25.31 -27.66 22.09
C LEU A 99 -24.15 -27.90 21.13
N GLY A 100 -23.02 -27.25 21.39
CA GLY A 100 -21.86 -27.44 20.55
C GLY A 100 -21.83 -26.69 19.23
N PHE A 101 -22.63 -25.63 19.14
CA PHE A 101 -22.68 -24.82 17.94
C PHE A 101 -21.79 -23.59 18.06
N ARG A 102 -21.34 -23.11 16.91
CA ARG A 102 -20.49 -21.93 16.81
C ARG A 102 -21.47 -20.76 16.72
N VAL A 103 -22.01 -20.36 17.87
CA VAL A 103 -22.99 -19.28 17.92
C VAL A 103 -22.43 -17.85 17.97
N LYS A 104 -23.25 -16.89 17.58
CA LYS A 104 -22.85 -15.48 17.57
C LYS A 104 -24.15 -14.67 17.62
N GLU A 105 -24.30 -13.81 18.62
CA GLU A 105 -25.53 -13.02 18.72
C GLU A 105 -25.48 -11.73 17.90
N LEU A 106 -26.64 -11.32 17.41
CA LEU A 106 -26.72 -10.10 16.61
C LEU A 106 -27.17 -8.95 17.49
N ILE A 107 -26.24 -8.07 17.85
CA ILE A 107 -26.59 -6.95 18.71
C ILE A 107 -27.49 -5.99 17.94
N GLY A 108 -28.64 -5.66 18.54
CA GLY A 108 -29.57 -4.74 17.90
C GLY A 108 -30.91 -5.35 17.52
N GLY A 109 -30.86 -6.60 17.06
CA GLY A 109 -32.07 -7.30 16.64
C GLY A 109 -32.81 -6.69 15.46
N ILE A 110 -34.09 -7.03 15.33
CA ILE A 110 -34.90 -6.52 14.24
C ILE A 110 -34.96 -5.01 14.20
N GLU A 111 -35.02 -4.41 15.38
CA GLU A 111 -35.07 -2.96 15.51
C GLU A 111 -33.96 -2.25 14.71
N TYR A 112 -32.72 -2.63 14.97
CA TYR A 112 -31.58 -2.03 14.26
C TYR A 112 -31.58 -2.41 12.77
N TRP A 113 -31.94 -3.65 12.50
CA TRP A 113 -31.99 -4.12 11.13
C TRP A 113 -32.99 -3.30 10.29
N ARG A 114 -34.17 -3.04 10.81
CA ARG A 114 -35.16 -2.24 10.08
C ARG A 114 -34.59 -0.90 9.65
N LYS A 115 -33.98 -0.19 10.59
CA LYS A 115 -33.42 1.12 10.30
C LYS A 115 -32.44 1.14 9.14
N GLU A 116 -31.74 0.03 8.93
CA GLU A 116 -30.77 -0.05 7.84
C GLU A 116 -31.36 -0.46 6.48
N ASN A 117 -31.99 -1.60 6.32
CA ASN A 117 -32.49 -1.89 4.98
C ASN A 117 -33.73 -1.02 4.53
N GLY A 118 -33.98 0.06 5.30
CA GLY A 118 -35.09 0.98 5.05
C GLY A 118 -35.02 2.30 5.80
N ASN B 4 -14.81 -21.06 20.35
CA ASN B 4 -14.91 -22.35 21.10
C ASN B 4 -16.25 -22.38 21.84
N PRO B 5 -17.15 -23.35 21.53
CA PRO B 5 -18.47 -23.48 22.18
C PRO B 5 -18.49 -23.24 23.69
N ASN B 6 -17.56 -23.85 24.43
CA ASN B 6 -17.49 -23.69 25.87
C ASN B 6 -17.15 -22.27 26.29
N GLU B 7 -16.19 -21.66 25.60
CA GLU B 7 -15.78 -20.30 25.92
C GLU B 7 -16.99 -19.38 25.75
N ALA B 8 -17.74 -19.58 24.66
CA ALA B 8 -18.90 -18.77 24.36
C ALA B 8 -19.96 -18.95 25.43
N TYR B 9 -20.23 -20.21 25.80
CA TYR B 9 -21.24 -20.48 26.81
C TYR B 9 -20.98 -19.69 28.09
N ARG B 10 -19.74 -19.75 28.58
CA ARG B 10 -19.37 -19.03 29.81
C ARG B 10 -19.52 -17.54 29.63
N HIS B 11 -19.18 -17.06 28.45
CA HIS B 11 -19.29 -15.64 28.17
C HIS B 11 -20.73 -15.16 28.28
N TYR B 12 -21.62 -15.82 27.53
CA TYR B 12 -23.04 -15.46 27.50
C TYR B 12 -23.68 -15.65 28.87
N MSE B 13 -23.28 -16.71 29.58
CA MSE B 13 -23.82 -16.95 30.89
C MSE B 13 -23.43 -15.82 31.84
O MSE B 13 -24.29 -15.24 32.50
CB MSE B 13 -23.35 -18.30 31.42
CG MSE B 13 -24.05 -19.50 30.79
SE MSE B 13 -26.05 -19.45 30.89
CE MSE B 13 -26.23 -18.89 32.77
N LYS B 14 -22.14 -15.49 31.89
CA LYS B 14 -21.67 -14.43 32.78
C LYS B 14 -22.36 -13.10 32.45
N LYS B 15 -22.40 -12.78 31.16
CA LYS B 15 -23.03 -11.54 30.73
C LYS B 15 -24.43 -11.44 31.30
N LEU B 16 -25.20 -12.52 31.18
CA LEU B 16 -26.56 -12.54 31.69
C LEU B 16 -26.61 -12.34 33.21
N SER B 17 -25.54 -12.69 33.91
CA SER B 17 -25.50 -12.56 35.36
C SER B 17 -25.16 -11.15 35.81
N TYR B 18 -24.61 -10.37 34.89
CA TYR B 18 -24.23 -9.02 35.21
C TYR B 18 -25.29 -7.99 34.83
N GLU B 19 -26.07 -8.28 33.81
CA GLU B 19 -27.08 -7.34 33.34
C GLU B 19 -28.47 -7.96 33.27
N THR B 20 -29.47 -7.10 33.23
CA THR B 20 -30.84 -7.54 33.13
C THR B 20 -31.55 -6.66 32.10
N ASP B 21 -32.67 -7.13 31.56
CA ASP B 21 -33.40 -6.36 30.56
C ASP B 21 -34.73 -5.88 31.09
N ILE B 22 -35.42 -5.07 30.30
CA ILE B 22 -36.71 -4.51 30.69
C ILE B 22 -37.75 -5.58 30.98
N ALA B 23 -37.84 -6.58 30.11
CA ALA B 23 -38.82 -7.64 30.27
C ALA B 23 -38.69 -8.34 31.62
N ASP B 24 -37.53 -8.92 31.88
CA ASP B 24 -37.28 -9.63 33.13
C ASP B 24 -37.56 -8.81 34.39
N LEU B 25 -37.09 -7.56 34.39
CA LEU B 25 -37.28 -6.64 35.51
C LEU B 25 -38.76 -6.35 35.65
N SER B 26 -39.41 -6.10 34.51
CA SER B 26 -40.83 -5.81 34.48
C SER B 26 -41.64 -6.92 35.14
N ILE B 27 -41.35 -8.18 34.78
CA ILE B 27 -42.04 -9.32 35.34
C ILE B 27 -41.87 -9.41 36.85
N ASP B 28 -40.65 -9.22 37.33
CA ASP B 28 -40.36 -9.27 38.75
C ASP B 28 -41.20 -8.27 39.52
N ILE B 29 -41.20 -7.01 39.10
CA ILE B 29 -41.96 -5.98 39.78
C ILE B 29 -43.45 -6.30 39.83
N LYS B 30 -43.99 -6.84 38.73
CA LYS B 30 -45.41 -7.21 38.67
C LYS B 30 -45.69 -8.39 39.62
N LYS B 31 -44.73 -9.31 39.74
CA LYS B 31 -44.94 -10.42 40.64
C LYS B 31 -44.70 -9.99 42.08
N GLY B 32 -44.22 -8.78 42.30
CA GLY B 32 -43.95 -8.32 43.65
C GLY B 32 -42.80 -9.09 44.28
N TYR B 33 -41.71 -9.29 43.53
CA TYR B 33 -40.56 -10.03 44.03
C TYR B 33 -39.86 -9.21 45.12
N GLU B 34 -39.60 -9.87 46.25
CA GLU B 34 -38.96 -9.27 47.43
C GLU B 34 -37.43 -9.50 47.42
N GLY B 35 -36.95 -10.24 46.43
CA GLY B 35 -35.53 -10.55 46.35
C GLY B 35 -34.65 -9.50 45.73
N ILE B 36 -35.25 -8.43 45.22
CA ILE B 36 -34.47 -7.37 44.59
C ILE B 36 -34.70 -5.99 45.23
N ILE B 37 -33.95 -5.00 44.76
CA ILE B 37 -34.06 -3.64 45.23
C ILE B 37 -33.67 -2.76 44.03
N VAL B 38 -34.67 -2.22 43.36
CA VAL B 38 -34.43 -1.37 42.20
C VAL B 38 -34.00 0.01 42.66
N VAL B 39 -32.79 0.39 42.29
CA VAL B 39 -32.24 1.68 42.67
C VAL B 39 -32.09 2.62 41.47
N ASP B 40 -32.54 3.86 41.66
CA ASP B 40 -32.45 4.89 40.63
C ASP B 40 -31.20 5.73 40.91
N VAL B 41 -30.24 5.67 39.98
CA VAL B 41 -28.97 6.36 40.11
C VAL B 41 -29.01 7.81 39.64
N ARG B 42 -30.10 8.21 38.98
CA ARG B 42 -30.23 9.58 38.48
C ARG B 42 -30.33 10.59 39.64
N ASP B 43 -30.30 11.87 39.32
CA ASP B 43 -30.41 12.90 40.36
C ASP B 43 -31.74 12.85 41.07
N ALA B 44 -31.77 13.38 42.29
CA ALA B 44 -32.98 13.41 43.10
C ALA B 44 -34.16 14.03 42.36
N GLU B 45 -33.90 15.13 41.65
CA GLU B 45 -34.96 15.80 40.94
C GLU B 45 -35.56 14.93 39.86
N ALA B 46 -34.72 14.22 39.11
CA ALA B 46 -35.19 13.34 38.04
C ALA B 46 -36.08 12.25 38.61
N TYR B 47 -35.67 11.71 39.75
CA TYR B 47 -36.43 10.67 40.40
C TYR B 47 -37.78 11.14 40.91
N LYS B 48 -37.83 12.38 41.36
CA LYS B 48 -39.08 12.92 41.89
C LYS B 48 -40.08 13.25 40.76
N GLU B 49 -39.59 13.54 39.56
CA GLU B 49 -40.46 13.85 38.44
C GLU B 49 -41.13 12.57 37.95
N CYS B 50 -40.39 11.47 37.98
CA CYS B 50 -40.91 10.17 37.57
C CYS B 50 -39.80 9.13 37.68
N HIS B 51 -40.19 7.89 37.97
CA HIS B 51 -39.22 6.82 38.09
C HIS B 51 -39.90 5.46 37.97
N ILE B 52 -39.10 4.41 37.81
CA ILE B 52 -39.63 3.05 37.70
C ILE B 52 -40.33 2.67 39.00
N PRO B 53 -41.53 2.06 38.92
CA PRO B 53 -42.33 1.63 40.06
C PRO B 53 -41.57 0.82 41.11
N THR B 54 -41.78 1.17 42.37
CA THR B 54 -41.12 0.49 43.50
C THR B 54 -39.60 0.73 43.62
N ALA B 55 -39.08 1.66 42.85
CA ALA B 55 -37.65 1.94 42.89
C ALA B 55 -37.31 2.98 43.96
N ILE B 56 -36.15 2.84 44.59
CA ILE B 56 -35.71 3.80 45.59
C ILE B 56 -34.70 4.77 44.96
N SER B 57 -34.51 5.93 45.58
CA SER B 57 -33.58 6.90 45.04
C SER B 57 -32.24 6.95 45.76
N ILE B 58 -31.17 6.76 44.99
CA ILE B 58 -29.83 6.83 45.55
C ILE B 58 -28.89 7.30 44.45
N PRO B 59 -28.73 8.62 44.31
CA PRO B 59 -27.84 9.19 43.29
C PRO B 59 -26.47 8.53 43.24
N GLY B 60 -25.98 8.28 42.03
CA GLY B 60 -24.68 7.63 41.84
C GLY B 60 -23.49 8.08 42.67
N ASN B 61 -23.13 9.35 42.56
CA ASN B 61 -21.99 9.85 43.31
C ASN B 61 -22.35 10.06 44.79
N LYS B 62 -23.31 9.30 45.27
CA LYS B 62 -23.75 9.44 46.64
C LYS B 62 -23.91 8.05 47.24
N ILE B 63 -23.45 7.04 46.52
CA ILE B 63 -23.53 5.66 46.99
C ILE B 63 -22.37 5.33 47.90
N ASN B 64 -22.69 5.02 49.16
CA ASN B 64 -21.69 4.65 50.16
C ASN B 64 -22.36 3.80 51.22
N GLU B 65 -21.64 3.55 52.31
CA GLU B 65 -22.19 2.73 53.39
C GLU B 65 -23.23 3.45 54.22
N ASP B 66 -23.25 4.77 54.16
CA ASP B 66 -24.23 5.53 54.92
C ASP B 66 -25.59 5.43 54.25
N THR B 67 -25.59 5.32 52.93
CA THR B 67 -26.83 5.24 52.18
C THR B 67 -27.25 3.82 51.87
N THR B 68 -26.40 2.85 52.17
CA THR B 68 -26.75 1.46 51.90
C THR B 68 -26.82 0.60 53.15
N LYS B 69 -26.77 1.25 54.31
CA LYS B 69 -26.82 0.51 55.58
C LYS B 69 -28.20 -0.09 55.82
N ARG B 70 -29.25 0.59 55.36
CA ARG B 70 -30.61 0.07 55.54
C ARG B 70 -31.00 -0.93 54.45
N LEU B 71 -30.15 -1.12 53.46
CA LEU B 71 -30.41 -2.07 52.37
C LEU B 71 -29.93 -3.48 52.73
N SER B 72 -30.78 -4.47 52.51
CA SER B 72 -30.45 -5.86 52.81
C SER B 72 -29.50 -6.51 51.79
N LYS B 73 -28.35 -7.03 52.26
CA LYS B 73 -27.41 -7.67 51.36
C LYS B 73 -27.93 -9.03 50.95
N GLU B 74 -29.14 -9.34 51.40
CA GLU B 74 -29.78 -10.62 51.09
C GLU B 74 -30.51 -10.48 49.76
N LYS B 75 -30.76 -9.24 49.34
CA LYS B 75 -31.45 -8.98 48.08
C LYS B 75 -30.47 -8.58 46.97
N VAL B 76 -30.95 -8.63 45.73
CA VAL B 76 -30.11 -8.27 44.59
C VAL B 76 -30.40 -6.82 44.18
N ILE B 77 -29.37 -5.99 44.18
CA ILE B 77 -29.56 -4.59 43.78
C ILE B 77 -29.59 -4.45 42.26
N ILE B 78 -30.53 -3.66 41.77
CA ILE B 78 -30.67 -3.44 40.34
C ILE B 78 -30.61 -1.95 40.05
N THR B 79 -29.49 -1.50 39.51
CA THR B 79 -29.32 -0.09 39.21
C THR B 79 -29.79 0.26 37.80
N TYR B 80 -30.12 1.53 37.58
CA TYR B 80 -30.54 1.98 36.26
C TYR B 80 -30.39 3.50 36.14
N CYS B 81 -29.93 3.96 34.98
CA CYS B 81 -29.77 5.38 34.72
C CYS B 81 -30.79 5.80 33.67
N TRP B 82 -30.44 6.82 32.88
CA TRP B 82 -31.31 7.33 31.85
C TRP B 82 -31.48 6.43 30.62
N GLY B 83 -30.39 6.13 29.95
CA GLY B 83 -30.47 5.29 28.76
C GLY B 83 -29.15 4.66 28.35
N PRO B 84 -29.04 4.12 27.13
CA PRO B 84 -27.82 3.49 26.60
C PRO B 84 -26.60 4.40 26.57
N ALA B 85 -26.85 5.70 26.44
CA ALA B 85 -25.74 6.65 26.41
C ALA B 85 -25.19 7.00 27.81
N CYS B 86 -25.80 6.47 28.87
CA CYS B 86 -25.34 6.80 30.20
C CYS B 86 -24.49 5.69 30.82
N ASN B 87 -23.63 6.05 31.78
CA ASN B 87 -22.75 5.10 32.47
C ASN B 87 -23.21 4.85 33.92
N GLY B 88 -24.08 5.73 34.38
CA GLY B 88 -24.60 5.68 35.73
C GLY B 88 -24.82 4.28 36.28
N ALA B 89 -25.62 3.49 35.59
CA ALA B 89 -25.92 2.14 36.01
C ALA B 89 -24.67 1.30 36.20
N THR B 90 -23.74 1.35 35.23
CA THR B 90 -22.50 0.56 35.31
C THR B 90 -21.62 1.08 36.44
N LYS B 91 -21.39 2.39 36.48
CA LYS B 91 -20.59 2.99 37.55
C LYS B 91 -21.17 2.59 38.91
N ALA B 92 -22.44 2.90 39.12
CA ALA B 92 -23.12 2.56 40.37
C ALA B 92 -23.01 1.08 40.70
N ALA B 93 -23.17 0.23 39.69
CA ALA B 93 -23.07 -1.19 39.90
C ALA B 93 -21.75 -1.52 40.55
N ALA B 94 -20.69 -0.84 40.11
CA ALA B 94 -19.35 -1.07 40.66
C ALA B 94 -19.29 -0.73 42.13
N LYS B 95 -19.83 0.43 42.48
CA LYS B 95 -19.84 0.85 43.87
C LYS B 95 -20.61 -0.12 44.77
N PHE B 96 -21.70 -0.68 44.25
CA PHE B 96 -22.50 -1.61 45.03
C PHE B 96 -21.78 -2.92 45.20
N ALA B 97 -21.19 -3.43 44.13
CA ALA B 97 -20.43 -4.68 44.17
C ALA B 97 -19.25 -4.48 45.14
N GLN B 98 -18.71 -3.28 45.17
CA GLN B 98 -17.60 -2.98 46.06
C GLN B 98 -18.03 -2.95 47.51
N LEU B 99 -19.30 -2.65 47.76
CA LEU B 99 -19.82 -2.61 49.12
C LEU B 99 -20.37 -3.98 49.52
N GLY B 100 -20.03 -5.00 48.74
CA GLY B 100 -20.46 -6.35 49.06
C GLY B 100 -21.89 -6.70 48.69
N PHE B 101 -22.49 -5.95 47.78
CA PHE B 101 -23.85 -6.21 47.35
C PHE B 101 -23.87 -7.03 46.07
N ARG B 102 -24.96 -7.76 45.91
CA ARG B 102 -25.21 -8.61 44.74
C ARG B 102 -25.89 -7.69 43.73
N VAL B 103 -25.09 -6.87 43.05
CA VAL B 103 -25.59 -5.90 42.08
C VAL B 103 -25.83 -6.43 40.68
N LYS B 104 -26.67 -5.74 39.93
CA LYS B 104 -26.99 -6.11 38.55
C LYS B 104 -27.50 -4.85 37.87
N GLU B 105 -26.87 -4.44 36.78
CA GLU B 105 -27.30 -3.23 36.08
C GLU B 105 -28.44 -3.49 35.08
N LEU B 106 -29.31 -2.51 34.91
CA LEU B 106 -30.41 -2.62 33.97
C LEU B 106 -30.03 -1.95 32.66
N ILE B 107 -29.71 -2.76 31.65
CA ILE B 107 -29.35 -2.20 30.37
C ILE B 107 -30.57 -1.51 29.75
N GLY B 108 -30.40 -0.25 29.34
CA GLY B 108 -31.48 0.50 28.71
C GLY B 108 -31.97 1.69 29.52
N GLY B 109 -32.06 1.52 30.84
CA GLY B 109 -32.52 2.58 31.71
C GLY B 109 -33.96 3.00 31.50
N ILE B 110 -34.31 4.17 32.01
CA ILE B 110 -35.67 4.70 31.88
C ILE B 110 -36.14 4.73 30.43
N GLU B 111 -35.24 5.09 29.52
CA GLU B 111 -35.56 5.20 28.11
C GLU B 111 -36.21 3.93 27.57
N TYR B 112 -35.58 2.79 27.78
CA TYR B 112 -36.13 1.52 27.31
C TYR B 112 -37.38 1.14 28.09
N TRP B 113 -37.36 1.40 29.39
CA TRP B 113 -38.50 1.10 30.23
C TRP B 113 -39.76 1.84 29.75
N ARG B 114 -39.65 3.13 29.45
CA ARG B 114 -40.81 3.89 28.97
C ARG B 114 -41.47 3.25 27.76
N LYS B 115 -40.67 2.88 26.77
CA LYS B 115 -41.20 2.29 25.55
C LYS B 115 -42.07 1.07 25.79
N GLU B 116 -41.75 0.32 26.84
CA GLU B 116 -42.49 -0.90 27.14
C GLU B 116 -43.64 -0.68 28.11
N ASN B 117 -43.20 -0.26 29.31
CA ASN B 117 -44.01 -0.05 30.47
C ASN B 117 -44.27 1.38 30.82
N GLY B 118 -44.99 1.58 31.95
CA GLY B 118 -45.35 2.90 32.44
C GLY B 118 -44.56 3.40 33.65
N LEU B 119 -44.26 4.70 33.67
CA LEU B 119 -43.50 5.31 34.75
C LEU B 119 -44.34 5.50 36.01
N GLU B 120 -43.71 5.97 37.08
CA GLU B 120 -44.39 6.17 38.33
C GLU B 120 -44.07 7.53 38.95
N ALA C 3 -23.35 -12.58 39.73
CA ALA C 3 -21.99 -12.91 40.28
C ALA C 3 -21.69 -12.41 41.72
N ASN C 4 -20.65 -13.01 42.33
CA ASN C 4 -20.14 -12.68 43.69
C ASN C 4 -19.65 -11.23 43.67
N PRO C 5 -20.00 -10.44 44.70
CA PRO C 5 -19.59 -9.04 44.77
C PRO C 5 -18.26 -8.66 44.13
N ASN C 6 -17.20 -9.38 44.46
CA ASN C 6 -15.87 -9.07 43.92
C ASN C 6 -15.79 -9.28 42.41
N GLU C 7 -16.34 -10.37 41.94
CA GLU C 7 -16.32 -10.68 40.51
C GLU C 7 -17.04 -9.56 39.77
N ALA C 8 -18.18 -9.13 40.31
CA ALA C 8 -18.97 -8.05 39.71
C ALA C 8 -18.17 -6.76 39.66
N TYR C 9 -17.60 -6.39 40.80
CA TYR C 9 -16.82 -5.16 40.85
C TYR C 9 -15.77 -5.10 39.73
N ARG C 10 -14.97 -6.16 39.59
CA ARG C 10 -13.93 -6.23 38.56
C ARG C 10 -14.53 -6.14 37.16
N HIS C 11 -15.69 -6.75 36.97
CA HIS C 11 -16.37 -6.71 35.68
C HIS C 11 -16.76 -5.30 35.30
N TYR C 12 -17.49 -4.63 36.20
CA TYR C 12 -17.95 -3.26 35.97
C TYR C 12 -16.78 -2.28 35.84
N MSE C 13 -15.74 -2.47 36.63
CA MSE C 13 -14.58 -1.61 36.58
C MSE C 13 -13.91 -1.74 35.22
O MSE C 13 -13.67 -0.76 34.54
CB MSE C 13 -13.60 -1.96 37.70
CG MSE C 13 -13.98 -1.45 39.07
SE MSE C 13 -14.27 0.45 39.20
CE MSE C 13 -12.87 1.17 38.10
N LYS C 14 -13.60 -2.97 34.82
CA LYS C 14 -12.95 -3.20 33.52
C LYS C 14 -13.80 -2.61 32.38
N LYS C 15 -15.09 -2.91 32.39
CA LYS C 15 -15.99 -2.41 31.37
C LYS C 15 -15.83 -0.90 31.24
N LEU C 16 -15.85 -0.20 32.37
CA LEU C 16 -15.69 1.24 32.35
C LEU C 16 -14.34 1.68 31.78
N SER C 17 -13.35 0.80 31.83
CA SER C 17 -12.02 1.15 31.32
C SER C 17 -11.91 0.95 29.81
N TYR C 18 -12.84 0.18 29.27
CA TYR C 18 -12.82 -0.11 27.85
C TYR C 18 -13.71 0.82 27.03
N GLU C 19 -14.77 1.33 27.64
CA GLU C 19 -15.69 2.19 26.93
C GLU C 19 -15.93 3.51 27.63
N THR C 20 -16.46 4.48 26.90
CA THR C 20 -16.76 5.78 27.44
C THR C 20 -18.12 6.22 26.92
N ASP C 21 -18.77 7.14 27.62
CA ASP C 21 -20.08 7.59 27.17
C ASP C 21 -20.05 9.02 26.68
N ILE C 22 -21.18 9.48 26.15
CA ILE C 22 -21.29 10.82 25.61
C ILE C 22 -20.97 11.90 26.63
N ALA C 23 -21.53 11.77 27.83
CA ALA C 23 -21.34 12.75 28.88
C ALA C 23 -19.88 12.98 29.20
N ASP C 24 -19.19 11.91 29.59
CA ASP C 24 -17.77 11.99 29.94
C ASP C 24 -16.91 12.59 28.83
N LEU C 25 -17.11 12.11 27.61
CA LEU C 25 -16.36 12.60 26.45
C LEU C 25 -16.68 14.06 26.26
N SER C 26 -17.96 14.39 26.35
CA SER C 26 -18.41 15.77 26.19
C SER C 26 -17.69 16.71 27.14
N ILE C 27 -17.64 16.33 28.41
CA ILE C 27 -16.96 17.16 29.41
C ILE C 27 -15.48 17.38 29.08
N ASP C 28 -14.80 16.32 28.69
CA ASP C 28 -13.39 16.41 28.35
C ASP C 28 -13.12 17.41 27.24
N ILE C 29 -13.86 17.32 26.14
CA ILE C 29 -13.68 18.23 25.02
C ILE C 29 -13.95 19.67 25.43
N LYS C 30 -15.04 19.89 26.15
CA LYS C 30 -15.40 21.22 26.57
C LYS C 30 -14.34 21.86 27.48
N LYS C 31 -13.66 21.05 28.27
CA LYS C 31 -12.60 21.51 29.16
C LYS C 31 -11.30 21.70 28.37
N GLY C 32 -11.26 21.18 27.15
CA GLY C 32 -10.07 21.29 26.33
C GLY C 32 -8.94 20.42 26.84
N TYR C 33 -9.26 19.17 27.16
CA TYR C 33 -8.28 18.22 27.68
C TYR C 33 -7.27 17.81 26.61
N GLU C 34 -6.00 17.79 26.98
CA GLU C 34 -4.97 17.45 26.04
C GLU C 34 -4.54 15.99 26.22
N GLY C 35 -5.25 15.25 27.09
CA GLY C 35 -4.89 13.86 27.33
C GLY C 35 -5.64 12.86 26.48
N ILE C 36 -6.42 13.36 25.51
CA ILE C 36 -7.19 12.50 24.62
C ILE C 36 -7.12 12.94 23.16
N ILE C 37 -7.32 11.98 22.26
CA ILE C 37 -7.32 12.20 20.80
C ILE C 37 -8.57 11.51 20.21
N VAL C 38 -9.61 12.32 19.95
CA VAL C 38 -10.85 11.81 19.38
C VAL C 38 -10.66 11.52 17.89
N VAL C 39 -10.83 10.26 17.51
CA VAL C 39 -10.67 9.85 16.13
C VAL C 39 -11.98 9.39 15.50
N ASP C 40 -12.22 9.86 14.28
CA ASP C 40 -13.43 9.53 13.53
C ASP C 40 -13.09 8.39 12.58
N VAL C 41 -13.70 7.24 12.79
CA VAL C 41 -13.47 6.06 12.00
C VAL C 41 -14.30 6.01 10.72
N ARG C 42 -15.30 6.88 10.60
CA ARG C 42 -16.16 6.91 9.41
C ARG C 42 -15.38 7.32 8.17
N ASP C 43 -16.00 7.21 7.00
CA ASP C 43 -15.33 7.59 5.76
C ASP C 43 -14.97 9.07 5.73
N ALA C 44 -14.00 9.41 4.90
CA ALA C 44 -13.55 10.79 4.76
C ALA C 44 -14.68 11.75 4.44
N GLU C 45 -15.57 11.32 3.56
CA GLU C 45 -16.69 12.17 3.16
C GLU C 45 -17.62 12.47 4.34
N ALA C 46 -17.94 11.45 5.12
CA ALA C 46 -18.81 11.62 6.29
C ALA C 46 -18.19 12.62 7.26
N TYR C 47 -16.87 12.51 7.45
CA TYR C 47 -16.17 13.40 8.35
C TYR C 47 -16.17 14.84 7.88
N LYS C 48 -16.09 15.04 6.57
CA LYS C 48 -16.07 16.40 6.01
C LYS C 48 -17.46 17.06 6.08
N GLU C 49 -18.53 16.26 6.07
CA GLU C 49 -19.87 16.81 6.14
C GLU C 49 -20.15 17.31 7.53
N CYS C 50 -19.64 16.60 8.52
CA CYS C 50 -19.79 16.99 9.93
C CYS C 50 -19.15 15.92 10.82
N HIS C 51 -18.67 16.35 11.98
CA HIS C 51 -18.03 15.44 12.89
C HIS C 51 -17.95 16.06 14.29
N ILE C 52 -17.61 15.24 15.29
CA ILE C 52 -17.49 15.71 16.66
C ILE C 52 -16.34 16.72 16.76
N PRO C 53 -16.55 17.83 17.46
CA PRO C 53 -15.56 18.90 17.66
C PRO C 53 -14.19 18.42 18.11
N THR C 54 -13.15 18.95 17.47
CA THR C 54 -11.76 18.63 17.78
C THR C 54 -11.35 17.19 17.40
N ALA C 55 -12.19 16.51 16.64
CA ALA C 55 -11.88 15.13 16.26
C ALA C 55 -11.08 15.09 14.96
N ILE C 56 -10.18 14.11 14.84
CA ILE C 56 -9.39 13.97 13.63
C ILE C 56 -9.99 12.84 12.78
N SER C 57 -9.65 12.83 11.49
CA SER C 57 -10.18 11.80 10.58
C SER C 57 -9.19 10.70 10.23
N ILE C 58 -9.56 9.47 10.55
CA ILE C 58 -8.73 8.31 10.24
C ILE C 58 -9.66 7.13 10.00
N PRO C 59 -10.10 6.96 8.75
CA PRO C 59 -11.00 5.84 8.40
C PRO C 59 -10.52 4.50 8.94
N GLY C 60 -11.45 3.69 9.43
CA GLY C 60 -11.14 2.40 9.99
C GLY C 60 -10.19 1.46 9.27
N ASN C 61 -10.54 1.11 8.03
CA ASN C 61 -9.69 0.22 7.26
C ASN C 61 -8.49 0.95 6.71
N LYS C 62 -8.07 2.00 7.40
CA LYS C 62 -6.93 2.78 6.97
C LYS C 62 -6.02 3.06 8.18
N ILE C 63 -6.32 2.40 9.30
CA ILE C 63 -5.54 2.58 10.51
C ILE C 63 -4.32 1.68 10.51
N ASN C 64 -3.15 2.32 10.52
CA ASN C 64 -1.86 1.61 10.54
C ASN C 64 -0.83 2.52 11.13
N GLU C 65 0.43 2.12 11.05
CA GLU C 65 1.53 2.90 11.61
C GLU C 65 1.87 4.14 10.80
N ASP C 66 1.44 4.17 9.55
CA ASP C 66 1.72 5.32 8.69
C ASP C 66 0.79 6.45 9.07
N THR C 67 -0.42 6.11 9.49
CA THR C 67 -1.42 7.10 9.87
C THR C 67 -1.42 7.41 11.36
N THR C 68 -0.67 6.66 12.16
CA THR C 68 -0.65 6.91 13.59
C THR C 68 0.72 7.30 14.10
N LYS C 69 1.66 7.55 13.19
CA LYS C 69 3.02 7.92 13.57
C LYS C 69 3.08 9.31 14.20
N ARG C 70 2.19 10.21 13.77
CA ARG C 70 2.15 11.56 14.32
C ARG C 70 1.32 11.65 15.60
N LEU C 71 0.65 10.55 15.96
CA LEU C 71 -0.17 10.53 17.16
C LEU C 71 0.66 10.14 18.40
N SER C 72 0.49 10.89 19.47
CA SER C 72 1.22 10.65 20.72
C SER C 72 0.68 9.45 21.53
N LYS C 73 1.53 8.47 21.79
CA LYS C 73 1.08 7.32 22.57
C LYS C 73 0.96 7.69 24.04
N GLU C 74 1.14 8.98 24.32
CA GLU C 74 1.03 9.49 25.67
C GLU C 74 -0.43 9.85 25.93
N LYS C 75 -1.19 10.01 24.87
CA LYS C 75 -2.61 10.36 24.98
C LYS C 75 -3.52 9.14 24.81
N VAL C 76 -4.78 9.27 25.20
CA VAL C 76 -5.73 8.16 25.09
C VAL C 76 -6.58 8.32 23.84
N ILE C 77 -6.51 7.35 22.93
CA ILE C 77 -7.32 7.44 21.71
C ILE C 77 -8.80 7.11 21.96
N ILE C 78 -9.69 7.89 21.37
CA ILE C 78 -11.12 7.64 21.54
C ILE C 78 -11.76 7.52 20.16
N THR C 79 -12.10 6.31 19.76
CA THR C 79 -12.70 6.09 18.46
C THR C 79 -14.21 6.18 18.53
N TYR C 80 -14.83 6.46 17.37
CA TYR C 80 -16.30 6.54 17.31
C TYR C 80 -16.80 6.38 15.88
N CYS C 81 -17.87 5.64 15.70
CA CYS C 81 -18.45 5.42 14.39
C CYS C 81 -19.80 6.15 14.32
N TRP C 82 -20.72 5.63 13.50
CA TRP C 82 -22.04 6.22 13.35
C TRP C 82 -22.96 6.07 14.54
N GLY C 83 -23.24 4.83 14.93
CA GLY C 83 -24.14 4.59 16.05
C GLY C 83 -24.03 3.19 16.63
N PRO C 84 -25.00 2.76 17.47
CA PRO C 84 -25.02 1.44 18.10
C PRO C 84 -24.98 0.26 17.13
N ALA C 85 -25.48 0.48 15.92
CA ALA C 85 -25.52 -0.60 14.95
C ALA C 85 -24.20 -0.75 14.21
N CYS C 86 -23.22 0.10 14.50
CA CYS C 86 -21.94 0.02 13.81
C CYS C 86 -20.86 -0.66 14.65
N ASN C 87 -19.86 -1.24 13.99
CA ASN C 87 -18.73 -1.92 14.66
C ASN C 87 -17.45 -1.12 14.59
N GLY C 88 -17.45 -0.15 13.67
CA GLY C 88 -16.32 0.70 13.43
C GLY C 88 -15.51 1.03 14.65
N ALA C 89 -16.16 1.61 15.65
CA ALA C 89 -15.47 2.00 16.88
C ALA C 89 -14.76 0.82 17.55
N THR C 90 -15.43 -0.32 17.67
CA THR C 90 -14.84 -1.49 18.28
C THR C 90 -13.70 -2.06 17.43
N LYS C 91 -13.94 -2.22 16.14
CA LYS C 91 -12.93 -2.72 15.24
C LYS C 91 -11.70 -1.82 15.31
N ALA C 92 -11.92 -0.53 15.11
CA ALA C 92 -10.84 0.46 15.15
C ALA C 92 -10.09 0.41 16.49
N ALA C 93 -10.85 0.28 17.57
CA ALA C 93 -10.25 0.21 18.89
C ALA C 93 -9.22 -0.92 18.95
N ALA C 94 -9.54 -2.02 18.30
CA ALA C 94 -8.64 -3.17 18.30
C ALA C 94 -7.35 -2.81 17.59
N LYS C 95 -7.46 -2.18 16.42
CA LYS C 95 -6.27 -1.83 15.66
C LYS C 95 -5.37 -0.87 16.43
N PHE C 96 -5.97 0.05 17.16
CA PHE C 96 -5.19 1.01 17.95
C PHE C 96 -4.49 0.31 19.12
N ALA C 97 -5.23 -0.53 19.83
CA ALA C 97 -4.67 -1.27 20.96
C ALA C 97 -3.56 -2.15 20.44
N GLN C 98 -3.70 -2.62 19.21
CA GLN C 98 -2.69 -3.48 18.61
C GLN C 98 -1.43 -2.69 18.26
N LEU C 99 -1.61 -1.39 18.01
CA LEU C 99 -0.48 -0.52 17.67
C LEU C 99 0.13 0.07 18.95
N GLY C 100 -0.26 -0.45 20.10
CA GLY C 100 0.30 0.03 21.34
C GLY C 100 -0.28 1.30 21.89
N PHE C 101 -1.48 1.67 21.43
CA PHE C 101 -2.13 2.87 21.91
C PHE C 101 -3.12 2.56 23.03
N ARG C 102 -3.35 3.56 23.86
CA ARG C 102 -4.28 3.48 24.99
C ARG C 102 -5.65 3.87 24.42
N VAL C 103 -6.28 2.94 23.72
CA VAL C 103 -7.57 3.19 23.08
C VAL C 103 -8.80 3.03 23.98
N LYS C 104 -9.89 3.68 23.57
CA LYS C 104 -11.15 3.61 24.29
C LYS C 104 -12.26 3.93 23.28
N GLU C 105 -13.24 3.05 23.12
CA GLU C 105 -14.30 3.31 22.17
C GLU C 105 -15.45 4.14 22.73
N LEU C 106 -16.07 4.94 21.88
CA LEU C 106 -17.19 5.78 22.31
C LEU C 106 -18.51 5.08 21.98
N ILE C 107 -19.16 4.51 22.99
CA ILE C 107 -20.42 3.83 22.74
C ILE C 107 -21.49 4.84 22.36
N GLY C 108 -22.14 4.61 21.22
CA GLY C 108 -23.20 5.50 20.75
C GLY C 108 -22.89 6.17 19.43
N GLY C 109 -21.63 6.58 19.26
CA GLY C 109 -21.21 7.26 18.03
C GLY C 109 -21.85 8.62 17.81
N ILE C 110 -21.80 9.09 16.57
CA ILE C 110 -22.38 10.37 16.20
C ILE C 110 -23.85 10.47 16.58
N GLU C 111 -24.58 9.38 16.38
CA GLU C 111 -26.00 9.34 16.67
C GLU C 111 -26.34 9.81 18.10
N TYR C 112 -25.66 9.24 19.09
CA TYR C 112 -25.90 9.62 20.48
C TYR C 112 -25.37 11.03 20.77
N TRP C 113 -24.23 11.35 20.16
CA TRP C 113 -23.65 12.66 20.34
C TRP C 113 -24.61 13.77 19.86
N ARG C 114 -25.21 13.61 18.66
CA ARG C 114 -26.15 14.60 18.14
C ARG C 114 -27.27 14.92 19.12
N LYS C 115 -27.90 13.90 19.65
CA LYS C 115 -29.01 14.09 20.58
C LYS C 115 -28.65 14.98 21.77
N GLU C 116 -27.41 14.93 22.21
CA GLU C 116 -26.98 15.71 23.36
C GLU C 116 -26.40 17.06 22.96
N ASN C 117 -25.29 16.98 22.22
CA ASN C 117 -24.48 18.09 21.74
C ASN C 117 -24.58 18.40 20.25
N GLY C 118 -23.97 19.52 19.85
CA GLY C 118 -24.02 19.99 18.47
C GLY C 118 -22.71 20.08 17.71
N LEU C 119 -22.29 18.95 17.16
CA LEU C 119 -21.04 18.86 16.43
C LEU C 119 -20.81 19.99 15.39
N GLU C 120 -19.56 20.08 14.92
CA GLU C 120 -19.15 21.05 13.92
C GLU C 120 -18.89 20.39 12.56
N ASN D 4 11.64 -6.18 -15.40
CA ASN D 4 11.43 -4.70 -15.46
C ASN D 4 12.67 -3.98 -14.98
N PRO D 5 13.62 -3.70 -15.89
CA PRO D 5 14.87 -3.00 -15.58
C PRO D 5 14.70 -1.80 -14.63
N ASN D 6 13.70 -0.95 -14.91
CA ASN D 6 13.44 0.23 -14.09
C ASN D 6 13.00 -0.12 -12.69
N GLU D 7 12.08 -1.08 -12.58
CA GLU D 7 11.59 -1.52 -11.28
C GLU D 7 12.75 -2.02 -10.44
N ALA D 8 13.62 -2.83 -11.07
CA ALA D 8 14.80 -3.38 -10.39
C ALA D 8 15.74 -2.25 -9.93
N TYR D 9 16.04 -1.32 -10.82
CA TYR D 9 16.91 -0.24 -10.46
C TYR D 9 16.44 0.46 -9.18
N ARG D 10 15.16 0.84 -9.13
CA ARG D 10 14.63 1.53 -7.95
C ARG D 10 14.71 0.66 -6.70
N HIS D 11 14.48 -0.64 -6.88
CA HIS D 11 14.56 -1.57 -5.77
C HIS D 11 15.95 -1.60 -5.17
N TYR D 12 16.95 -1.87 -6.01
CA TYR D 12 18.35 -1.94 -5.57
C TYR D 12 18.84 -0.59 -5.01
N MSE D 13 18.41 0.51 -5.61
CA MSE D 13 18.81 1.82 -5.15
C MSE D 13 18.26 2.06 -3.76
O MSE D 13 19.01 2.42 -2.84
CB MSE D 13 18.32 2.89 -6.11
CG MSE D 13 19.12 3.02 -7.39
SE MSE D 13 21.02 3.23 -7.15
CE MSE D 13 21.05 4.56 -5.70
N LYS D 14 16.96 1.85 -3.58
CA LYS D 14 16.33 2.05 -2.27
C LYS D 14 16.96 1.15 -1.19
N LYS D 15 17.17 -0.11 -1.53
CA LYS D 15 17.78 -1.04 -0.61
C LYS D 15 19.09 -0.48 -0.11
N LEU D 16 19.92 0.00 -1.03
CA LEU D 16 21.19 0.58 -0.67
C LEU D 16 21.07 1.80 0.24
N SER D 17 19.95 2.50 0.15
CA SER D 17 19.73 3.69 0.97
C SER D 17 19.27 3.35 2.38
N TYR D 18 18.80 2.13 2.57
CA TYR D 18 18.31 1.70 3.86
C TYR D 18 19.35 0.95 4.66
N GLU D 19 20.26 0.27 3.97
CA GLU D 19 21.27 -0.51 4.66
C GLU D 19 22.68 -0.18 4.25
N THR D 20 23.64 -0.54 5.09
CA THR D 20 25.04 -0.30 4.81
C THR D 20 25.84 -1.55 5.16
N ASP D 21 27.02 -1.70 4.57
CA ASP D 21 27.82 -2.88 4.86
C ASP D 21 29.07 -2.54 5.67
N ILE D 22 29.80 -3.59 6.05
CA ILE D 22 31.01 -3.42 6.85
C ILE D 22 32.04 -2.55 6.18
N ALA D 23 32.27 -2.81 4.90
CA ALA D 23 33.27 -2.06 4.15
C ALA D 23 33.04 -0.57 4.17
N ASP D 24 31.87 -0.15 3.71
CA ASP D 24 31.52 1.26 3.66
C ASP D 24 31.61 1.96 5.01
N LEU D 25 31.07 1.31 6.03
CA LEU D 25 31.07 1.84 7.39
C LEU D 25 32.53 1.96 7.88
N SER D 26 33.29 0.92 7.61
CA SER D 26 34.70 0.87 7.99
C SER D 26 35.46 2.05 7.41
N ILE D 27 35.28 2.32 6.11
CA ILE D 27 35.96 3.43 5.46
C ILE D 27 35.60 4.76 6.10
N ASP D 28 34.33 4.97 6.38
CA ASP D 28 33.89 6.22 6.99
C ASP D 28 34.56 6.49 8.31
N ILE D 29 34.56 5.50 9.20
CA ILE D 29 35.19 5.65 10.50
C ILE D 29 36.70 5.94 10.40
N LYS D 30 37.42 5.21 9.54
CA LYS D 30 38.86 5.39 9.37
C LYS D 30 39.20 6.77 8.81
N LYS D 31 38.40 7.19 7.84
CA LYS D 31 38.55 8.47 7.19
C LYS D 31 38.03 9.50 8.17
N GLY D 32 37.63 9.06 9.36
CA GLY D 32 37.12 9.98 10.36
C GLY D 32 35.89 10.80 10.00
N TYR D 33 35.09 10.31 9.07
CA TYR D 33 33.86 10.96 8.63
C TYR D 33 32.97 11.21 9.84
N GLU D 34 32.54 12.45 10.01
CA GLU D 34 31.70 12.83 11.14
C GLU D 34 30.20 13.03 10.81
N GLY D 35 29.78 12.63 9.61
CA GLY D 35 28.38 12.76 9.20
C GLY D 35 27.51 11.58 9.64
N ILE D 36 28.14 10.60 10.29
CA ILE D 36 27.40 9.44 10.79
C ILE D 36 27.57 9.30 12.31
N ILE D 37 26.55 8.68 12.91
CA ILE D 37 26.52 8.39 14.35
C ILE D 37 26.19 6.91 14.50
N VAL D 38 27.22 6.10 14.75
CA VAL D 38 27.05 4.68 14.92
C VAL D 38 26.47 4.37 16.29
N VAL D 39 25.29 3.77 16.31
CA VAL D 39 24.62 3.43 17.55
C VAL D 39 24.52 1.92 17.79
N ASP D 40 24.86 1.51 19.00
CA ASP D 40 24.83 0.11 19.40
C ASP D 40 23.50 -0.14 20.11
N VAL D 41 22.67 -0.97 19.49
CA VAL D 41 21.36 -1.31 20.02
C VAL D 41 21.36 -2.41 21.09
N ARG D 42 22.47 -3.14 21.19
CA ARG D 42 22.59 -4.23 22.16
C ARG D 42 22.51 -3.70 23.61
N ASP D 43 22.43 -4.61 24.58
CA ASP D 43 22.34 -4.20 25.96
C ASP D 43 23.59 -3.45 26.41
N ALA D 44 23.45 -2.67 27.48
CA ALA D 44 24.56 -1.90 28.02
C ALA D 44 25.77 -2.77 28.35
N GLU D 45 25.53 -3.95 28.92
CA GLU D 45 26.62 -4.83 29.27
C GLU D 45 27.39 -5.30 28.07
N ALA D 46 26.69 -5.68 27.01
CA ALA D 46 27.34 -6.15 25.78
C ALA D 46 28.20 -5.04 25.18
N TYR D 47 27.71 -3.80 25.25
CA TYR D 47 28.45 -2.68 24.71
C TYR D 47 29.71 -2.39 25.53
N LYS D 48 29.66 -2.60 26.83
CA LYS D 48 30.81 -2.33 27.67
C LYS D 48 31.89 -3.40 27.51
N GLU D 49 31.49 -4.61 27.14
CA GLU D 49 32.47 -5.69 26.96
C GLU D 49 33.26 -5.46 25.69
N CYS D 50 32.59 -4.93 24.68
CA CYS D 50 33.23 -4.62 23.39
C CYS D 50 32.19 -4.09 22.42
N HIS D 51 32.61 -3.20 21.53
CA HIS D 51 31.71 -2.63 20.56
C HIS D 51 32.49 -2.02 19.39
N ILE D 52 31.79 -1.70 18.30
CA ILE D 52 32.42 -1.10 17.13
C ILE D 52 32.99 0.28 17.52
N PRO D 53 34.21 0.58 17.04
CA PRO D 53 34.91 1.86 17.31
C PRO D 53 34.10 3.11 17.03
N THR D 54 34.12 4.03 17.98
CA THR D 54 33.40 5.30 17.87
C THR D 54 31.88 5.19 17.95
N ALA D 55 31.38 4.03 18.36
CA ALA D 55 29.95 3.83 18.45
C ALA D 55 29.42 4.23 19.84
N ILE D 56 28.20 4.73 19.89
CA ILE D 56 27.61 5.13 21.15
C ILE D 56 26.61 4.06 21.59
N SER D 57 26.29 4.02 22.88
CA SER D 57 25.36 3.02 23.39
C SER D 57 23.95 3.53 23.64
N ILE D 58 22.98 2.91 23.00
CA ILE D 58 21.57 3.28 23.18
C ILE D 58 20.73 2.03 22.96
N PRO D 59 20.51 1.24 24.01
CA PRO D 59 19.70 0.01 23.90
C PRO D 59 18.38 0.23 23.16
N GLY D 60 18.05 -0.74 22.30
CA GLY D 60 16.84 -0.67 21.49
C GLY D 60 15.55 -0.26 22.16
N ASN D 61 15.13 -1.00 23.17
CA ASN D 61 13.88 -0.68 23.86
C ASN D 61 14.06 0.51 24.79
N LYS D 62 15.02 1.38 24.47
CA LYS D 62 15.28 2.54 25.29
C LYS D 62 15.44 3.75 24.41
N ILE D 63 15.12 3.58 23.12
CA ILE D 63 15.25 4.67 22.15
C ILE D 63 14.01 5.57 22.17
N ASN D 64 14.23 6.82 22.52
CA ASN D 64 13.16 7.81 22.59
C ASN D 64 13.75 9.20 22.44
N GLU D 65 12.94 10.23 22.67
CA GLU D 65 13.41 11.59 22.53
C GLU D 65 14.30 12.04 23.68
N ASP D 66 14.25 11.31 24.79
CA ASP D 66 15.08 11.66 25.93
C ASP D 66 16.51 11.23 25.69
N THR D 67 16.68 10.12 24.95
CA THR D 67 18.00 9.59 24.64
C THR D 67 18.53 10.03 23.28
N THR D 68 17.71 10.73 22.51
CA THR D 68 18.17 11.19 21.20
C THR D 68 18.16 12.72 21.07
N LYS D 69 17.95 13.40 22.18
CA LYS D 69 17.90 14.86 22.17
C LYS D 69 19.28 15.45 21.90
N ARG D 70 20.32 14.79 22.39
CA ARG D 70 21.68 15.27 22.18
C ARG D 70 22.28 14.86 20.82
N LEU D 71 21.55 14.03 20.08
CA LEU D 71 21.99 13.58 18.76
C LEU D 71 21.55 14.55 17.65
N SER D 72 22.48 14.90 16.77
CA SER D 72 22.21 15.84 15.67
C SER D 72 21.43 15.22 14.51
N LYS D 73 20.27 15.78 14.18
CA LYS D 73 19.48 15.24 13.08
C LYS D 73 20.12 15.60 11.76
N GLU D 74 21.30 16.20 11.85
CA GLU D 74 22.05 16.60 10.65
C GLU D 74 22.90 15.43 10.20
N LYS D 75 23.11 14.49 11.10
CA LYS D 75 23.91 13.31 10.79
C LYS D 75 23.05 12.07 10.48
N VAL D 76 23.67 11.04 9.92
CA VAL D 76 22.96 9.82 9.57
C VAL D 76 23.17 8.75 10.65
N ILE D 77 22.10 8.30 11.27
CA ILE D 77 22.25 7.28 12.31
C ILE D 77 22.46 5.90 11.68
N ILE D 78 23.36 5.13 12.28
CA ILE D 78 23.64 3.79 11.79
C ILE D 78 23.51 2.83 12.96
N THR D 79 22.42 2.06 12.98
CA THR D 79 22.21 1.11 14.05
C THR D 79 22.80 -0.25 13.69
N TYR D 80 23.09 -1.05 14.72
CA TYR D 80 23.62 -2.41 14.52
C TYR D 80 23.39 -3.27 15.76
N CYS D 81 23.04 -4.52 15.56
CA CYS D 81 22.80 -5.46 16.65
C CYS D 81 23.90 -6.51 16.63
N TRP D 82 23.57 -7.72 17.10
CA TRP D 82 24.52 -8.82 17.15
C TRP D 82 24.90 -9.41 15.81
N GLY D 83 23.90 -9.88 15.06
CA GLY D 83 24.17 -10.49 13.76
C GLY D 83 22.94 -10.65 12.88
N PRO D 84 23.00 -11.47 11.81
CA PRO D 84 21.88 -11.70 10.90
C PRO D 84 20.61 -12.27 11.54
N ALA D 85 20.78 -12.97 12.65
CA ALA D 85 19.62 -13.56 13.32
C ALA D 85 18.90 -12.56 14.23
N CYS D 86 19.43 -11.34 14.35
CA CYS D 86 18.81 -10.36 15.23
C CYS D 86 17.98 -9.32 14.47
N ASN D 87 17.00 -8.74 15.14
CA ASN D 87 16.10 -7.71 14.58
C ASN D 87 16.42 -6.33 15.10
N GLY D 88 17.17 -6.30 16.19
CA GLY D 88 17.56 -5.06 16.83
C GLY D 88 17.81 -3.90 15.91
N ALA D 89 18.72 -4.08 14.96
CA ALA D 89 19.05 -3.01 14.04
C ALA D 89 17.84 -2.51 13.26
N THR D 90 17.03 -3.41 12.73
CA THR D 90 15.83 -3.06 11.97
C THR D 90 14.79 -2.37 12.86
N LYS D 91 14.52 -2.98 14.01
CA LYS D 91 13.56 -2.42 14.95
C LYS D 91 14.01 -1.01 15.34
N ALA D 92 15.24 -0.89 15.82
CA ALA D 92 15.84 0.39 16.22
C ALA D 92 15.75 1.41 15.08
N ALA D 93 16.09 0.97 13.87
CA ALA D 93 16.01 1.85 12.71
C ALA D 93 14.64 2.48 12.60
N ALA D 94 13.59 1.69 12.84
CA ALA D 94 12.23 2.19 12.76
C ALA D 94 12.01 3.31 13.77
N LYS D 95 12.44 3.07 15.01
CA LYS D 95 12.26 4.09 16.04
C LYS D 95 12.98 5.39 15.73
N PHE D 96 14.15 5.28 15.13
CA PHE D 96 14.92 6.47 14.76
C PHE D 96 14.23 7.22 13.63
N ALA D 97 13.84 6.49 12.59
CA ALA D 97 13.16 7.10 11.46
C ALA D 97 11.87 7.77 11.97
N GLN D 98 11.24 7.17 12.97
CA GLN D 98 10.01 7.70 13.51
C GLN D 98 10.28 8.98 14.30
N LEU D 99 11.49 9.13 14.81
CA LEU D 99 11.86 10.33 15.56
C LEU D 99 12.41 11.39 14.63
N GLY D 100 12.28 11.18 13.33
CA GLY D 100 12.76 12.15 12.36
C GLY D 100 14.24 12.11 12.03
N PHE D 101 14.87 10.99 12.32
CA PHE D 101 16.29 10.82 12.03
C PHE D 101 16.51 10.10 10.71
N ARG D 102 17.66 10.40 10.10
CA ARG D 102 18.08 9.82 8.83
C ARG D 102 18.80 8.52 9.21
N VAL D 103 18.03 7.49 9.51
CA VAL D 103 18.58 6.20 9.94
C VAL D 103 18.99 5.24 8.81
N LYS D 104 19.89 4.32 9.15
CA LYS D 104 20.36 3.32 8.20
C LYS D 104 20.87 2.12 9.02
N GLU D 105 20.32 0.94 8.79
CA GLU D 105 20.76 -0.22 9.55
C GLU D 105 22.00 -0.91 8.98
N LEU D 106 22.82 -1.46 9.87
CA LEU D 106 24.03 -2.16 9.44
C LEU D 106 23.75 -3.65 9.32
N ILE D 107 23.63 -4.14 8.11
CA ILE D 107 23.36 -5.56 7.93
C ILE D 107 24.60 -6.35 8.33
N GLY D 108 24.39 -7.33 9.23
CA GLY D 108 25.48 -8.17 9.70
C GLY D 108 25.80 -8.02 11.18
N GLY D 109 25.74 -6.78 11.67
CA GLY D 109 26.01 -6.52 13.08
C GLY D 109 27.44 -6.80 13.49
N ILE D 110 27.67 -6.94 14.80
CA ILE D 110 29.00 -7.22 15.33
C ILE D 110 29.63 -8.46 14.73
N GLU D 111 28.81 -9.49 14.52
CA GLU D 111 29.30 -10.75 13.95
C GLU D 111 30.08 -10.53 12.64
N TYR D 112 29.48 -9.84 11.68
CA TYR D 112 30.15 -9.59 10.41
C TYR D 112 31.34 -8.63 10.60
N TRP D 113 31.16 -7.65 11.47
CA TRP D 113 32.23 -6.70 11.73
C TRP D 113 33.49 -7.40 12.26
N ARG D 114 33.33 -8.30 13.23
CA ARG D 114 34.48 -9.03 13.80
C ARG D 114 35.30 -9.71 12.73
N LYS D 115 34.62 -10.45 11.83
CA LYS D 115 35.30 -11.17 10.78
C LYS D 115 36.19 -10.30 9.91
N GLU D 116 35.80 -9.04 9.72
CA GLU D 116 36.60 -8.12 8.90
C GLU D 116 37.71 -7.44 9.69
N ASN D 117 37.38 -6.72 10.76
CA ASN D 117 38.45 -6.08 11.48
C ASN D 117 39.10 -7.06 12.51
N ALA E 3 13.97 13.92 2.58
CA ALA E 3 12.74 13.21 2.14
C ALA E 3 12.96 11.73 2.40
N ASN E 4 13.17 11.39 3.67
CA ASN E 4 13.45 10.02 3.99
C ASN E 4 12.99 9.51 5.34
N PRO E 5 12.86 10.38 6.38
CA PRO E 5 12.42 9.76 7.63
C PRO E 5 11.14 8.92 7.52
N ASN E 6 10.12 9.48 6.89
CA ASN E 6 8.85 8.76 6.75
C ASN E 6 8.97 7.53 5.84
N GLU E 7 9.64 7.69 4.71
CA GLU E 7 9.83 6.59 3.78
C GLU E 7 10.55 5.45 4.49
N ALA E 8 11.59 5.80 5.25
CA ALA E 8 12.37 4.83 6.00
C ALA E 8 11.51 4.10 7.02
N TYR E 9 10.73 4.85 7.78
CA TYR E 9 9.87 4.26 8.79
C TYR E 9 8.97 3.19 8.19
N ARG E 10 8.31 3.51 7.08
CA ARG E 10 7.42 2.56 6.43
C ARG E 10 8.17 1.34 5.94
N HIS E 11 9.38 1.57 5.45
CA HIS E 11 10.20 0.49 4.96
C HIS E 11 10.54 -0.50 6.05
N TYR E 12 11.10 -0.01 7.16
CA TYR E 12 11.49 -0.85 8.30
C TYR E 12 10.29 -1.52 8.95
N MSE E 13 9.17 -0.80 9.02
CA MSE E 13 7.96 -1.36 9.59
C MSE E 13 7.47 -2.53 8.74
O MSE E 13 7.23 -3.61 9.26
CB MSE E 13 6.89 -0.29 9.70
CG MSE E 13 7.09 0.70 10.86
SE MSE E 13 7.38 -0.13 12.65
CE MSE E 13 6.08 -1.59 12.57
N LYS E 14 7.33 -2.32 7.45
CA LYS E 14 6.87 -3.38 6.55
C LYS E 14 7.80 -4.59 6.61
N LYS E 15 9.11 -4.34 6.51
CA LYS E 15 10.08 -5.42 6.58
C LYS E 15 9.84 -6.27 7.82
N LEU E 16 9.62 -5.63 8.96
CA LEU E 16 9.37 -6.36 10.20
C LEU E 16 8.09 -7.15 10.16
N SER E 17 7.16 -6.76 9.31
CA SER E 17 5.88 -7.48 9.22
C SER E 17 5.99 -8.69 8.30
N TYR E 18 7.04 -8.73 7.50
CA TYR E 18 7.22 -9.81 6.56
C TYR E 18 8.13 -10.91 7.10
N GLU E 19 9.07 -10.53 7.96
CA GLU E 19 10.01 -11.49 8.48
C GLU E 19 10.06 -11.51 9.99
N THR E 20 10.62 -12.57 10.54
CA THR E 20 10.75 -12.71 11.98
C THR E 20 12.13 -13.27 12.28
N ASP E 21 12.62 -13.09 13.49
CA ASP E 21 13.94 -13.60 13.83
C ASP E 21 13.86 -14.72 14.83
N ILE E 22 15.01 -15.32 15.13
CA ILE E 22 15.09 -16.43 16.06
C ILE E 22 14.58 -16.08 17.45
N ALA E 23 15.00 -14.94 17.97
CA ALA E 23 14.59 -14.51 19.30
C ALA E 23 13.08 -14.45 19.46
N ASP E 24 12.43 -13.67 18.62
CA ASP E 24 10.99 -13.49 18.68
C ASP E 24 10.23 -14.82 18.58
N LEU E 25 10.63 -15.65 17.64
CA LEU E 25 10.00 -16.95 17.41
C LEU E 25 10.21 -17.81 18.64
N SER E 26 11.44 -17.81 19.13
CA SER E 26 11.80 -18.58 20.31
C SER E 26 10.92 -18.24 21.50
N ILE E 27 10.71 -16.95 21.76
CA ILE E 27 9.88 -16.52 22.88
C ILE E 27 8.46 -17.04 22.72
N ASP E 28 7.89 -16.89 21.53
CA ASP E 28 6.53 -17.34 21.25
C ASP E 28 6.33 -18.82 21.57
N ILE E 29 7.18 -19.66 21.03
CA ILE E 29 7.09 -21.11 21.28
C ILE E 29 7.20 -21.46 22.76
N LYS E 30 8.11 -20.80 23.44
CA LYS E 30 8.35 -21.04 24.85
C LYS E 30 7.13 -20.63 25.64
N LYS E 31 6.64 -19.43 25.37
CA LYS E 31 5.48 -18.88 26.06
C LYS E 31 4.23 -19.66 25.65
N GLY E 32 4.41 -20.64 24.78
CA GLY E 32 3.30 -21.46 24.30
C GLY E 32 2.24 -20.79 23.44
N TYR E 33 2.47 -19.55 23.00
CA TYR E 33 1.50 -18.81 22.18
C TYR E 33 0.81 -19.70 21.18
N GLU E 34 -0.51 -19.62 21.15
CA GLU E 34 -1.29 -20.47 20.26
C GLU E 34 -1.79 -19.79 18.98
N GLY E 35 -1.38 -18.54 18.76
CA GLY E 35 -1.81 -17.81 17.57
C GLY E 35 -0.87 -17.90 16.36
N ILE E 36 0.03 -18.87 16.38
CA ILE E 36 0.97 -19.07 15.28
C ILE E 36 1.02 -20.56 14.92
N ILE E 37 1.60 -20.87 13.78
CA ILE E 37 1.77 -22.24 13.32
C ILE E 37 3.11 -22.32 12.58
N VAL E 38 4.12 -22.88 13.25
CA VAL E 38 5.45 -23.01 12.67
C VAL E 38 5.46 -24.18 11.69
N VAL E 39 5.73 -23.87 10.43
CA VAL E 39 5.77 -24.87 9.37
C VAL E 39 7.18 -25.09 8.82
N ASP E 40 7.55 -26.36 8.71
CA ASP E 40 8.87 -26.74 8.19
C ASP E 40 8.71 -27.04 6.69
N VAL E 41 9.36 -26.23 5.86
CA VAL E 41 9.30 -26.35 4.42
C VAL E 41 10.25 -27.37 3.83
N ARG E 42 11.20 -27.83 4.63
CA ARG E 42 12.19 -28.83 4.17
C ARG E 42 11.53 -30.17 3.83
N ASP E 43 12.29 -31.09 3.25
CA ASP E 43 11.76 -32.40 2.90
C ASP E 43 11.33 -33.16 4.13
N ALA E 44 10.45 -34.13 3.92
CA ALA E 44 9.93 -34.96 5.00
C ALA E 44 11.04 -35.63 5.79
N GLU E 45 12.04 -36.12 5.09
CA GLU E 45 13.14 -36.80 5.76
C GLU E 45 13.89 -35.86 6.69
N ALA E 46 14.19 -34.65 6.21
CA ALA E 46 14.91 -33.67 7.03
C ALA E 46 14.12 -33.35 8.30
N TYR E 47 12.81 -33.23 8.15
CA TYR E 47 11.95 -32.93 9.29
C TYR E 47 11.91 -34.08 10.30
N LYS E 48 11.98 -35.31 9.81
CA LYS E 48 11.94 -36.45 10.72
C LYS E 48 13.26 -36.64 11.49
N GLU E 49 14.38 -36.18 10.90
CA GLU E 49 15.66 -36.30 11.57
C GLU E 49 15.76 -35.31 12.73
N CYS E 50 15.15 -34.15 12.54
CA CYS E 50 15.14 -33.10 13.56
C CYS E 50 14.46 -31.85 13.02
N HIS E 51 13.82 -31.11 13.91
CA HIS E 51 13.13 -29.90 13.49
C HIS E 51 12.85 -29.00 14.69
N ILE E 52 12.44 -27.76 14.42
CA ILE E 52 12.14 -26.81 15.48
C ILE E 52 10.93 -27.32 16.26
N PRO E 53 10.99 -27.24 17.60
CA PRO E 53 9.92 -27.68 18.51
C PRO E 53 8.55 -27.15 18.16
N THR E 54 7.56 -28.04 18.19
CA THR E 54 6.15 -27.71 17.89
C THR E 54 5.88 -27.35 16.43
N ALA E 55 6.84 -27.60 15.56
CA ALA E 55 6.66 -27.28 14.16
C ALA E 55 6.01 -28.44 13.38
N ILE E 56 5.18 -28.11 12.40
CA ILE E 56 4.54 -29.14 11.59
C ILE E 56 5.28 -29.27 10.27
N SER E 57 5.14 -30.42 9.62
CA SER E 57 5.83 -30.67 8.36
C SER E 57 4.96 -30.47 7.12
N ILE E 58 5.38 -29.57 6.24
CA ILE E 58 4.66 -29.33 5.00
C ILE E 58 5.68 -28.90 3.94
N PRO E 59 6.29 -29.87 3.24
CA PRO E 59 7.27 -29.55 2.20
C PRO E 59 6.80 -28.45 1.24
N GLY E 60 7.71 -27.55 0.89
CA GLY E 60 7.42 -26.43 0.01
C GLY E 60 6.61 -26.68 -1.26
N ASN E 61 7.12 -27.55 -2.13
CA ASN E 61 6.43 -27.84 -3.39
C ASN E 61 5.26 -28.75 -3.15
N LYS E 62 4.71 -28.72 -1.95
CA LYS E 62 3.58 -29.57 -1.62
C LYS E 62 2.52 -28.73 -0.88
N ILE E 63 2.71 -27.41 -0.87
CA ILE E 63 1.80 -26.50 -0.20
C ILE E 63 0.63 -26.14 -1.10
N ASN E 64 -0.56 -26.53 -0.67
CA ASN E 64 -1.79 -26.26 -1.42
C ASN E 64 -2.97 -26.28 -0.46
N GLU E 65 -4.18 -26.24 -0.99
CA GLU E 65 -5.37 -26.23 -0.15
C GLU E 65 -5.68 -27.58 0.48
N ASP E 66 -5.12 -28.64 -0.07
CA ASP E 66 -5.35 -29.97 0.49
C ASP E 66 -4.53 -30.14 1.75
N THR E 67 -3.38 -29.49 1.80
CA THR E 67 -2.49 -29.60 2.95
C THR E 67 -2.67 -28.45 3.95
N THR E 68 -3.47 -27.46 3.59
CA THR E 68 -3.67 -26.35 4.49
C THR E 68 -5.13 -26.19 4.92
N LYS E 69 -5.95 -27.19 4.60
CA LYS E 69 -7.35 -27.14 4.97
C LYS E 69 -7.56 -27.28 6.49
N ARG E 70 -6.70 -28.05 7.13
CA ARG E 70 -6.79 -28.25 8.57
C ARG E 70 -6.12 -27.12 9.37
N LEU E 71 -5.45 -26.20 8.68
CA LEU E 71 -4.78 -25.08 9.34
C LEU E 71 -5.73 -23.90 9.49
N SER E 72 -5.74 -23.31 10.69
CA SER E 72 -6.60 -22.16 10.99
C SER E 72 -6.10 -20.83 10.41
N LYS E 73 -6.90 -20.18 9.59
CA LYS E 73 -6.49 -18.90 9.03
C LYS E 73 -6.54 -17.80 10.09
N GLU E 74 -6.84 -18.21 11.31
CA GLU E 74 -6.93 -17.30 12.44
C GLU E 74 -5.54 -17.14 13.04
N LYS E 75 -4.64 -18.08 12.74
CA LYS E 75 -3.28 -18.05 13.25
C LYS E 75 -2.28 -17.53 12.20
N VAL E 76 -1.10 -17.13 12.66
CA VAL E 76 -0.07 -16.65 11.75
C VAL E 76 0.89 -17.76 11.39
N ILE E 77 1.03 -18.06 10.10
CA ILE E 77 1.96 -19.11 9.68
C ILE E 77 3.39 -18.59 9.68
N ILE E 78 4.31 -19.42 10.15
CA ILE E 78 5.71 -19.06 10.17
C ILE E 78 6.51 -20.15 9.47
N THR E 79 6.96 -19.86 8.26
CA THR E 79 7.73 -20.83 7.51
C THR E 79 9.24 -20.72 7.78
N TYR E 80 9.96 -21.80 7.53
CA TYR E 80 11.41 -21.80 7.72
C TYR E 80 12.07 -22.94 6.96
N CYS E 81 13.22 -22.64 6.35
CA CYS E 81 13.97 -23.62 5.56
C CYS E 81 15.27 -23.93 6.31
N TRP E 82 16.30 -24.32 5.56
CA TRP E 82 17.60 -24.64 6.13
C TRP E 82 18.42 -23.48 6.68
N GLY E 83 18.71 -22.49 5.83
CA GLY E 83 19.49 -21.35 6.27
C GLY E 83 19.37 -20.15 5.35
N PRO E 84 20.28 -19.17 5.45
CA PRO E 84 20.29 -17.94 4.63
C PRO E 84 20.46 -18.18 3.13
N ALA E 85 21.07 -19.31 2.78
CA ALA E 85 21.29 -19.62 1.38
C ALA E 85 20.07 -20.28 0.72
N CYS E 86 19.01 -20.54 1.51
CA CYS E 86 17.82 -21.18 0.96
C CYS E 86 16.68 -20.20 0.68
N ASN E 87 15.81 -20.55 -0.26
CA ASN E 87 14.64 -19.73 -0.65
C ASN E 87 13.33 -20.30 -0.14
N GLY E 88 13.39 -21.55 0.28
CA GLY E 88 12.23 -22.26 0.77
C GLY E 88 11.27 -21.43 1.59
N ALA E 89 11.78 -20.80 2.64
CA ALA E 89 10.92 -19.98 3.49
C ALA E 89 10.22 -18.88 2.71
N THR E 90 10.95 -18.16 1.86
CA THR E 90 10.36 -17.09 1.07
C THR E 90 9.36 -17.62 0.05
N LYS E 91 9.76 -18.66 -0.69
CA LYS E 91 8.85 -19.25 -1.68
C LYS E 91 7.58 -19.71 -1.00
N ALA E 92 7.74 -20.52 0.03
CA ALA E 92 6.63 -21.06 0.79
C ALA E 92 5.73 -19.94 1.31
N ALA E 93 6.36 -18.88 1.82
CA ALA E 93 5.62 -17.73 2.34
C ALA E 93 4.66 -17.20 1.29
N ALA E 94 5.12 -17.16 0.04
CA ALA E 94 4.30 -16.70 -1.07
C ALA E 94 3.07 -17.59 -1.26
N LYS E 95 3.28 -18.90 -1.26
CA LYS E 95 2.16 -19.82 -1.46
C LYS E 95 1.13 -19.71 -0.34
N PHE E 96 1.58 -19.45 0.88
CA PHE E 96 0.67 -19.32 2.01
C PHE E 96 -0.11 -18.01 1.91
N ALA E 97 0.59 -16.93 1.60
CA ALA E 97 -0.06 -15.63 1.46
C ALA E 97 -1.07 -15.73 0.32
N GLN E 98 -0.75 -16.54 -0.69
CA GLN E 98 -1.62 -16.71 -1.84
C GLN E 98 -2.88 -17.49 -1.45
N LEU E 99 -2.76 -18.35 -0.45
CA LEU E 99 -3.90 -19.15 0.03
C LEU E 99 -4.68 -18.40 1.09
N GLY E 100 -4.40 -17.10 1.24
CA GLY E 100 -5.11 -16.29 2.21
C GLY E 100 -4.68 -16.41 3.65
N PHE E 101 -3.46 -16.88 3.86
CA PHE E 101 -2.93 -17.03 5.21
C PHE E 101 -2.05 -15.86 5.58
N ARG E 102 -2.00 -15.61 6.88
CA ARG E 102 -1.21 -14.53 7.48
C ARG E 102 0.18 -15.12 7.69
N VAL E 103 0.95 -15.22 6.61
CA VAL E 103 2.29 -15.80 6.65
C VAL E 103 3.42 -14.85 7.08
N LYS E 104 4.51 -15.44 7.57
CA LYS E 104 5.67 -14.69 8.01
C LYS E 104 6.86 -15.63 7.91
N GLU E 105 7.90 -15.25 7.18
CA GLU E 105 9.06 -16.14 7.05
C GLU E 105 10.09 -15.96 8.16
N LEU E 106 10.76 -17.05 8.53
CA LEU E 106 11.76 -17.00 9.58
C LEU E 106 13.13 -16.84 8.96
N ILE E 107 13.70 -15.64 9.03
CA ILE E 107 15.02 -15.43 8.46
C ILE E 107 16.07 -16.20 9.26
N GLY E 108 16.86 -17.01 8.56
CA GLY E 108 17.91 -17.80 9.21
C GLY E 108 17.71 -19.30 9.16
N GLY E 109 16.47 -19.74 9.30
CA GLY E 109 16.16 -21.15 9.24
C GLY E 109 16.77 -21.98 10.36
N ILE E 110 16.79 -23.29 10.17
CA ILE E 110 17.34 -24.18 11.17
C ILE E 110 18.74 -23.81 11.58
N GLU E 111 19.54 -23.39 10.62
CA GLU E 111 20.94 -23.01 10.87
C GLU E 111 21.07 -21.98 12.01
N TYR E 112 20.32 -20.89 11.94
CA TYR E 112 20.40 -19.87 12.98
C TYR E 112 19.76 -20.38 14.26
N TRP E 113 18.67 -21.13 14.13
CA TRP E 113 17.98 -21.66 15.30
C TRP E 113 18.92 -22.56 16.13
N ARG E 114 19.66 -23.46 15.47
CA ARG E 114 20.60 -24.35 16.18
C ARG E 114 21.58 -23.59 17.06
N LYS E 115 22.19 -22.55 16.50
CA LYS E 115 23.16 -21.77 17.23
C LYS E 115 22.63 -21.22 18.54
N GLU E 116 21.35 -20.92 18.59
CA GLU E 116 20.72 -20.36 19.79
C GLU E 116 20.16 -21.42 20.76
N ASN E 117 19.23 -22.27 20.27
CA ASN E 117 18.53 -23.32 21.03
C ASN E 117 18.67 -24.72 20.46
N GLY E 118 17.94 -25.70 21.01
CA GLY E 118 18.05 -27.08 20.54
C GLY E 118 16.96 -27.61 19.62
N LEU E 119 17.33 -28.52 18.73
CA LEU E 119 16.37 -29.11 17.83
C LEU E 119 15.51 -30.09 18.64
N GLU E 120 14.49 -30.65 17.99
CA GLU E 120 13.59 -31.59 18.64
C GLU E 120 12.89 -32.53 17.66
N PRO F 2 1.11 -8.38 11.18
CA PRO F 2 2.09 -8.13 10.10
C PRO F 2 1.48 -7.44 8.88
N ALA F 3 1.29 -8.18 7.79
CA ALA F 3 0.71 -7.61 6.57
C ALA F 3 -0.42 -8.47 6.04
N ASN F 4 -1.33 -7.85 5.30
CA ASN F 4 -2.47 -8.56 4.73
C ASN F 4 -1.97 -9.56 3.71
N PRO F 5 -2.74 -10.63 3.49
CA PRO F 5 -2.38 -11.69 2.53
C PRO F 5 -1.88 -11.23 1.17
N ASN F 6 -2.63 -10.35 0.52
CA ASN F 6 -2.25 -9.84 -0.81
C ASN F 6 -0.97 -9.03 -0.81
N GLU F 7 -0.83 -8.16 0.18
CA GLU F 7 0.36 -7.33 0.30
C GLU F 7 1.59 -8.23 0.46
N ALA F 8 1.45 -9.24 1.31
CA ALA F 8 2.53 -10.20 1.56
C ALA F 8 2.89 -10.96 0.30
N TYR F 9 1.87 -11.47 -0.39
CA TYR F 9 2.13 -12.21 -1.61
C TYR F 9 3.00 -11.40 -2.58
N ARG F 10 2.62 -10.15 -2.84
CA ARG F 10 3.37 -9.30 -3.75
C ARG F 10 4.78 -9.04 -3.25
N HIS F 11 4.92 -8.90 -1.94
CA HIS F 11 6.21 -8.68 -1.35
C HIS F 11 7.14 -9.85 -1.63
N TYR F 12 6.70 -11.05 -1.23
CA TYR F 12 7.50 -12.27 -1.41
C TYR F 12 7.78 -12.57 -2.87
N MSE F 13 6.80 -12.33 -3.73
CA MSE F 13 6.98 -12.56 -5.15
C MSE F 13 8.07 -11.64 -5.70
O MSE F 13 9.02 -12.11 -6.33
CB MSE F 13 5.66 -12.35 -5.90
CG MSE F 13 4.65 -13.49 -5.75
SE MSE F 13 5.35 -15.30 -6.22
CE MSE F 13 6.31 -14.85 -7.87
N LYS F 14 7.95 -10.34 -5.46
CA LYS F 14 8.93 -9.38 -5.96
C LYS F 14 10.33 -9.74 -5.43
N LYS F 15 10.42 -10.00 -4.12
CA LYS F 15 11.70 -10.34 -3.52
C LYS F 15 12.34 -11.48 -4.31
N LEU F 16 11.57 -12.51 -4.59
CA LEU F 16 12.09 -13.64 -5.34
C LEU F 16 12.58 -13.23 -6.73
N SER F 17 12.01 -12.16 -7.28
CA SER F 17 12.38 -11.75 -8.63
C SER F 17 13.64 -10.92 -8.63
N TYR F 18 14.02 -10.44 -7.46
CA TYR F 18 15.20 -9.61 -7.34
C TYR F 18 16.46 -10.38 -6.93
N GLU F 19 16.26 -11.47 -6.21
CA GLU F 19 17.38 -12.25 -5.73
C GLU F 19 17.25 -13.71 -6.09
N THR F 20 18.37 -14.43 -6.00
CA THR F 20 18.40 -15.85 -6.29
C THR F 20 19.28 -16.53 -5.25
N ASP F 21 19.09 -17.82 -5.04
CA ASP F 21 19.89 -18.53 -4.05
C ASP F 21 20.87 -19.51 -4.69
N ILE F 22 21.70 -20.12 -3.87
CA ILE F 22 22.71 -21.07 -4.35
C ILE F 22 22.12 -22.27 -5.08
N ALA F 23 21.06 -22.84 -4.52
CA ALA F 23 20.41 -24.00 -5.13
C ALA F 23 19.96 -23.74 -6.56
N ASP F 24 19.09 -22.74 -6.73
CA ASP F 24 18.56 -22.38 -8.03
C ASP F 24 19.65 -22.09 -9.06
N LEU F 25 20.65 -21.30 -8.68
CA LEU F 25 21.76 -20.93 -9.56
C LEU F 25 22.53 -22.17 -9.90
N SER F 26 22.78 -23.01 -8.90
CA SER F 26 23.50 -24.25 -9.08
C SER F 26 22.85 -25.15 -10.13
N ILE F 27 21.53 -25.31 -10.04
CA ILE F 27 20.79 -26.13 -10.97
C ILE F 27 20.91 -25.59 -12.39
N ASP F 28 20.78 -24.29 -12.55
CA ASP F 28 20.89 -23.69 -13.88
C ASP F 28 22.23 -23.97 -14.54
N ILE F 29 23.32 -23.72 -13.81
CA ILE F 29 24.63 -23.97 -14.35
C ILE F 29 24.79 -25.42 -14.78
N LYS F 30 24.31 -26.37 -13.99
CA LYS F 30 24.48 -27.73 -14.46
C LYS F 30 23.38 -28.21 -15.46
N LYS F 31 22.11 -27.91 -15.17
CA LYS F 31 20.98 -28.30 -16.03
C LYS F 31 21.01 -27.46 -17.30
N GLY F 32 20.91 -26.15 -17.12
CA GLY F 32 20.95 -25.25 -18.25
C GLY F 32 19.66 -25.17 -19.01
N GLY F 35 19.76 -20.33 -19.81
CA GLY F 35 20.12 -19.08 -20.47
C GLY F 35 20.28 -17.88 -19.55
N ILE F 36 21.23 -17.95 -18.63
CA ILE F 36 21.51 -16.86 -17.72
C ILE F 36 22.97 -16.51 -17.91
N ILE F 37 23.42 -15.39 -17.35
CA ILE F 37 24.83 -14.96 -17.47
C ILE F 37 25.36 -14.59 -16.10
N VAL F 38 26.12 -15.51 -15.50
CA VAL F 38 26.69 -15.30 -14.18
C VAL F 38 27.89 -14.36 -14.27
N VAL F 39 27.79 -13.21 -13.61
CA VAL F 39 28.85 -12.23 -13.62
C VAL F 39 29.54 -12.05 -12.27
N ASP F 40 30.86 -12.05 -12.29
CA ASP F 40 31.66 -11.89 -11.09
C ASP F 40 32.03 -10.41 -10.97
N VAL F 41 31.54 -9.77 -9.91
CA VAL F 41 31.78 -8.36 -9.65
C VAL F 41 33.08 -8.06 -8.92
N ARG F 42 33.71 -9.08 -8.38
CA ARG F 42 34.97 -8.91 -7.65
C ARG F 42 36.09 -8.43 -8.60
N ASP F 43 37.26 -8.09 -8.05
CA ASP F 43 38.37 -7.62 -8.86
C ASP F 43 38.87 -8.72 -9.78
N ALA F 44 39.54 -8.31 -10.86
CA ALA F 44 40.08 -9.24 -11.84
C ALA F 44 40.98 -10.28 -11.22
N GLU F 45 41.80 -9.87 -10.25
CA GLU F 45 42.70 -10.81 -9.62
C GLU F 45 41.95 -11.88 -8.85
N ALA F 46 40.90 -11.49 -8.12
CA ALA F 46 40.10 -12.44 -7.35
C ALA F 46 39.46 -13.47 -8.27
N TYR F 47 38.98 -13.01 -9.42
CA TYR F 47 38.35 -13.88 -10.38
C TYR F 47 39.32 -14.87 -11.00
N LYS F 48 40.56 -14.44 -11.21
CA LYS F 48 41.55 -15.32 -11.82
C LYS F 48 42.04 -16.39 -10.83
N GLU F 49 41.99 -16.11 -9.54
CA GLU F 49 42.41 -17.08 -8.54
C GLU F 49 41.40 -18.20 -8.44
N CYS F 50 40.12 -17.85 -8.57
CA CYS F 50 39.03 -18.82 -8.52
C CYS F 50 37.71 -18.09 -8.66
N HIS F 51 36.72 -18.77 -9.21
CA HIS F 51 35.41 -18.17 -9.39
C HIS F 51 34.35 -19.22 -9.65
N ILE F 52 33.08 -18.83 -9.59
CA ILE F 52 32.00 -19.76 -9.83
C ILE F 52 32.05 -20.24 -11.29
N PRO F 53 31.85 -21.54 -11.53
CA PRO F 53 31.86 -22.15 -12.86
C PRO F 53 30.99 -21.45 -13.91
N THR F 54 31.55 -21.24 -15.09
CA THR F 54 30.87 -20.60 -16.22
C THR F 54 30.57 -19.12 -16.00
N ALA F 55 31.19 -18.51 -14.98
CA ALA F 55 30.96 -17.11 -14.71
C ALA F 55 31.94 -16.23 -15.46
N ILE F 56 31.50 -15.05 -15.89
CA ILE F 56 32.38 -14.12 -16.61
C ILE F 56 32.86 -13.03 -15.64
N SER F 57 33.96 -12.37 -15.99
CA SER F 57 34.50 -11.32 -15.12
C SER F 57 34.19 -9.91 -15.55
N ILE F 58 33.52 -9.15 -14.69
CA ILE F 58 33.20 -7.75 -14.98
C ILE F 58 33.19 -6.98 -13.67
N PRO F 59 34.34 -6.48 -13.24
CA PRO F 59 34.43 -5.73 -11.98
C PRO F 59 33.33 -4.66 -11.85
N GLY F 60 32.78 -4.55 -10.63
CA GLY F 60 31.71 -3.61 -10.35
C GLY F 60 31.84 -2.19 -10.86
N ASN F 61 32.87 -1.49 -10.43
CA ASN F 61 33.07 -0.11 -10.86
C ASN F 61 33.59 -0.05 -12.29
N LYS F 62 33.27 -1.07 -13.07
CA LYS F 62 33.72 -1.11 -14.43
C LYS F 62 32.56 -1.54 -15.33
N ILE F 63 31.37 -1.58 -14.74
CA ILE F 63 30.16 -1.96 -15.47
C ILE F 63 29.56 -0.78 -16.25
N ASN F 64 29.57 -0.88 -17.57
CA ASN F 64 29.03 0.16 -18.44
C ASN F 64 28.60 -0.47 -19.76
N GLU F 65 28.27 0.36 -20.74
CA GLU F 65 27.82 -0.14 -22.02
C GLU F 65 28.95 -0.71 -22.87
N ASP F 66 30.18 -0.33 -22.55
CA ASP F 66 31.32 -0.83 -23.31
C ASP F 66 31.61 -2.28 -22.92
N THR F 67 31.34 -2.61 -21.65
CA THR F 67 31.59 -3.95 -21.16
C THR F 67 30.36 -4.84 -21.22
N THR F 68 29.21 -4.27 -21.56
CA THR F 68 27.99 -5.08 -21.61
C THR F 68 27.38 -5.13 -23.00
N LYS F 69 28.11 -4.61 -23.99
CA LYS F 69 27.62 -4.60 -25.37
C LYS F 69 27.55 -6.02 -25.96
N ARG F 70 28.46 -6.88 -25.55
CA ARG F 70 28.49 -8.26 -26.03
C ARG F 70 27.54 -9.18 -25.27
N LEU F 71 26.94 -8.66 -24.20
CA LEU F 71 26.01 -9.45 -23.41
C LEU F 71 24.58 -9.33 -23.97
N SER F 72 23.89 -10.46 -24.09
CA SER F 72 22.54 -10.52 -24.61
C SER F 72 21.47 -10.08 -23.60
N LYS F 73 20.68 -9.07 -23.94
CA LYS F 73 19.63 -8.61 -23.02
C LYS F 73 18.47 -9.59 -23.01
N GLU F 74 18.66 -10.71 -23.69
CA GLU F 74 17.65 -11.75 -23.76
C GLU F 74 17.85 -12.70 -22.57
N LYS F 75 19.04 -12.65 -21.98
CA LYS F 75 19.36 -13.49 -20.83
C LYS F 75 19.24 -12.73 -19.52
N VAL F 76 19.21 -13.46 -18.40
CA VAL F 76 19.11 -12.84 -17.09
C VAL F 76 20.49 -12.76 -16.45
N ILE F 77 20.93 -11.55 -16.12
CA ILE F 77 22.24 -11.40 -15.47
C ILE F 77 22.18 -11.76 -14.00
N ILE F 78 23.20 -12.49 -13.53
CA ILE F 78 23.25 -12.87 -12.12
C ILE F 78 24.58 -12.41 -11.54
N THR F 79 24.55 -11.33 -10.74
CA THR F 79 25.76 -10.83 -10.14
C THR F 79 26.05 -11.47 -8.79
N TYR F 80 27.32 -11.46 -8.39
CA TYR F 80 27.73 -12.01 -7.10
C TYR F 80 29.09 -11.45 -6.66
N CYS F 81 29.21 -11.14 -5.37
CA CYS F 81 30.44 -10.62 -4.81
C CYS F 81 31.05 -11.68 -3.88
N TRP F 82 31.77 -11.24 -2.86
CA TRP F 82 32.38 -12.12 -1.90
C TRP F 82 31.42 -12.84 -0.95
N GLY F 83 30.69 -12.08 -0.14
CA GLY F 83 29.77 -12.69 0.81
C GLY F 83 28.70 -11.73 1.30
N PRO F 84 27.97 -12.07 2.38
CA PRO F 84 26.91 -11.26 2.98
C PRO F 84 27.35 -9.87 3.42
N ALA F 85 28.63 -9.71 3.74
CA ALA F 85 29.12 -8.42 4.18
C ALA F 85 29.45 -7.49 3.00
N CYS F 86 29.33 -7.97 1.76
CA CYS F 86 29.65 -7.14 0.62
C CYS F 86 28.40 -6.57 -0.06
N ASN F 87 28.56 -5.44 -0.75
CA ASN F 87 27.47 -4.75 -1.47
C ASN F 87 27.59 -4.93 -2.96
N GLY F 88 28.78 -5.32 -3.39
CA GLY F 88 29.05 -5.52 -4.80
C GLY F 88 27.91 -6.04 -5.63
N ALA F 89 27.36 -7.19 -5.26
CA ALA F 89 26.27 -7.76 -6.00
C ALA F 89 25.09 -6.81 -6.14
N THR F 90 24.67 -6.18 -5.04
CA THR F 90 23.54 -5.24 -5.05
C THR F 90 23.84 -4.00 -5.88
N LYS F 91 25.03 -3.41 -5.67
CA LYS F 91 25.44 -2.23 -6.40
C LYS F 91 25.46 -2.57 -7.89
N ALA F 92 26.20 -3.61 -8.26
CA ALA F 92 26.30 -4.05 -9.65
C ALA F 92 24.91 -4.32 -10.23
N ALA F 93 24.05 -4.97 -9.46
CA ALA F 93 22.70 -5.25 -9.93
C ALA F 93 22.02 -3.96 -10.39
N ALA F 94 22.24 -2.88 -9.65
CA ALA F 94 21.63 -1.60 -9.99
C ALA F 94 22.15 -1.11 -11.34
N LYS F 95 23.46 -1.18 -11.54
CA LYS F 95 24.03 -0.73 -12.79
C LYS F 95 23.53 -1.52 -14.00
N PHE F 96 23.29 -2.82 -13.80
CA PHE F 96 22.79 -3.67 -14.85
C PHE F 96 21.34 -3.34 -15.17
N ALA F 97 20.53 -3.21 -14.12
CA ALA F 97 19.12 -2.89 -14.28
C ALA F 97 19.02 -1.53 -14.96
N GLN F 98 19.99 -0.67 -14.69
CA GLN F 98 20.01 0.67 -15.27
C GLN F 98 20.36 0.63 -16.77
N LEU F 99 21.09 -0.40 -17.16
CA LEU F 99 21.50 -0.57 -18.55
C LEU F 99 20.44 -1.36 -19.32
N GLY F 100 19.30 -1.60 -18.68
CA GLY F 100 18.22 -2.31 -19.34
C GLY F 100 18.31 -3.81 -19.31
N PHE F 101 19.10 -4.35 -18.40
CA PHE F 101 19.25 -5.79 -18.27
C PHE F 101 18.34 -6.36 -17.19
N ARG F 102 17.99 -7.63 -17.37
CA ARG F 102 17.14 -8.38 -16.46
C ARG F 102 18.11 -8.95 -15.41
N VAL F 103 18.49 -8.13 -14.45
CA VAL F 103 19.44 -8.53 -13.42
C VAL F 103 18.84 -9.24 -12.21
N LYS F 104 19.67 -9.98 -11.49
CA LYS F 104 19.26 -10.69 -10.29
C LYS F 104 20.53 -10.92 -9.46
N GLU F 105 20.55 -10.47 -8.21
CA GLU F 105 21.73 -10.65 -7.39
C GLU F 105 21.76 -11.99 -6.64
N LEU F 106 22.97 -12.53 -6.48
CA LEU F 106 23.11 -13.81 -5.79
C LEU F 106 23.42 -13.57 -4.32
N ILE F 107 22.43 -13.77 -3.45
CA ILE F 107 22.65 -13.58 -2.03
C ILE F 107 23.62 -14.64 -1.50
N GLY F 108 24.69 -14.17 -0.85
CA GLY F 108 25.68 -15.09 -0.28
C GLY F 108 27.06 -15.00 -0.91
N GLY F 109 27.08 -14.81 -2.23
CA GLY F 109 28.35 -14.70 -2.95
C GLY F 109 29.18 -15.96 -2.89
N ILE F 110 30.46 -15.82 -3.20
CA ILE F 110 31.40 -16.94 -3.18
C ILE F 110 31.42 -17.70 -1.87
N GLU F 111 31.31 -16.96 -0.77
CA GLU F 111 31.34 -17.56 0.56
C GLU F 111 30.30 -18.66 0.72
N TYR F 112 29.05 -18.37 0.37
CA TYR F 112 28.00 -19.38 0.48
C TYR F 112 28.18 -20.48 -0.58
N TRP F 113 28.57 -20.09 -1.77
CA TRP F 113 28.79 -21.06 -2.83
C TRP F 113 29.84 -22.10 -2.43
N ARG F 114 30.99 -21.68 -1.90
CA ARG F 114 32.03 -22.62 -1.48
C ARG F 114 31.48 -23.70 -0.55
N LYS F 115 30.74 -23.30 0.46
CA LYS F 115 30.20 -24.23 1.43
C LYS F 115 29.40 -25.35 0.79
N GLU F 116 28.74 -25.05 -0.32
CA GLU F 116 27.91 -26.03 -1.01
C GLU F 116 28.64 -26.84 -2.10
N ASN F 117 29.16 -26.13 -3.12
CA ASN F 117 29.87 -26.70 -4.26
C ASN F 117 31.36 -26.31 -4.37
N GLY F 118 31.93 -26.45 -5.58
CA GLY F 118 33.33 -26.11 -5.79
C GLY F 118 33.58 -24.92 -6.70
N LEU F 119 34.80 -24.69 -7.13
CA LEU F 119 35.03 -23.56 -8.01
C LEU F 119 36.17 -23.91 -8.95
N GLU F 120 36.50 -23.07 -9.91
CA GLU F 120 37.60 -23.41 -10.83
C GLU F 120 38.93 -22.68 -10.49
N HIS F 121 39.67 -23.21 -9.51
CA HIS F 121 40.95 -22.65 -9.04
C HIS F 121 41.99 -22.45 -10.13
N ASN G 4 26.35 13.44 -23.27
CA ASN G 4 26.90 12.06 -23.47
C ASN G 4 26.36 11.54 -24.81
N PRO G 5 27.05 11.90 -25.90
CA PRO G 5 26.83 11.58 -27.31
C PRO G 5 26.27 10.17 -27.54
N ASN G 6 26.81 9.18 -26.82
CA ASN G 6 26.35 7.79 -26.97
C ASN G 6 24.92 7.61 -26.50
N GLU G 7 24.59 8.18 -25.34
CA GLU G 7 23.24 8.08 -24.80
C GLU G 7 22.25 8.66 -25.82
N ALA G 8 22.58 9.82 -26.36
CA ALA G 8 21.74 10.48 -27.35
C ALA G 8 21.57 9.61 -28.58
N TYR G 9 22.67 9.09 -29.11
CA TYR G 9 22.58 8.26 -30.30
C TYR G 9 21.56 7.13 -30.11
N ARG G 10 21.68 6.40 -29.00
CA ARG G 10 20.75 5.29 -28.72
C ARG G 10 19.32 5.77 -28.62
N HIS G 11 19.14 6.93 -28.00
CA HIS G 11 17.82 7.50 -27.84
C HIS G 11 17.16 7.79 -29.19
N TYR G 12 17.86 8.53 -30.05
CA TYR G 12 17.35 8.90 -31.37
C TYR G 12 17.15 7.67 -32.26
N MSE G 13 18.06 6.71 -32.15
CA MSE G 13 17.96 5.49 -32.94
C MSE G 13 16.70 4.72 -32.53
O MSE G 13 15.88 4.36 -33.40
CB MSE G 13 19.20 4.61 -32.74
CG MSE G 13 20.43 5.06 -33.51
SE MSE G 13 20.22 5.26 -35.48
CE MSE G 13 19.11 3.73 -35.87
N LYS G 14 16.54 4.47 -31.23
CA LYS G 14 15.36 3.74 -30.75
C LYS G 14 14.06 4.46 -31.15
N LYS G 15 14.01 5.76 -30.92
CA LYS G 15 12.85 6.55 -31.27
C LYS G 15 12.47 6.28 -32.73
N LEU G 16 13.45 6.34 -33.61
CA LEU G 16 13.21 6.11 -35.02
C LEU G 16 12.67 4.70 -35.28
N SER G 17 13.00 3.76 -34.40
CA SER G 17 12.55 2.38 -34.61
C SER G 17 11.12 2.17 -34.13
N TYR G 18 10.63 3.10 -33.31
CA TYR G 18 9.28 2.98 -32.77
C TYR G 18 8.26 3.74 -33.59
N GLU G 19 8.68 4.83 -34.22
CA GLU G 19 7.76 5.63 -35.00
C GLU G 19 8.20 5.86 -36.44
N THR G 20 7.26 6.24 -37.28
CA THR G 20 7.54 6.51 -38.67
C THR G 20 6.82 7.79 -39.09
N ASP G 21 7.30 8.46 -40.13
CA ASP G 21 6.67 9.70 -40.56
C ASP G 21 5.92 9.53 -41.88
N ILE G 22 5.24 10.60 -42.29
CA ILE G 22 4.47 10.56 -43.53
C ILE G 22 5.32 10.26 -44.75
N ALA G 23 6.46 10.93 -44.87
CA ALA G 23 7.36 10.75 -46.00
C ALA G 23 7.76 9.30 -46.21
N ASP G 24 8.37 8.71 -45.20
CA ASP G 24 8.83 7.32 -45.26
C ASP G 24 7.70 6.35 -45.62
N LEU G 25 6.56 6.49 -44.95
CA LEU G 25 5.41 5.63 -45.17
C LEU G 25 4.94 5.83 -46.60
N SER G 26 4.87 7.09 -47.01
CA SER G 26 4.44 7.45 -48.35
C SER G 26 5.27 6.75 -49.42
N ILE G 27 6.59 6.80 -49.27
CA ILE G 27 7.49 6.17 -50.23
C ILE G 27 7.23 4.65 -50.32
N ASP G 28 7.10 4.00 -49.17
CA ASP G 28 6.87 2.57 -49.13
C ASP G 28 5.63 2.16 -49.91
N ILE G 29 4.51 2.82 -49.64
CA ILE G 29 3.27 2.50 -50.35
C ILE G 29 3.39 2.72 -51.86
N LYS G 30 3.97 3.86 -52.22
CA LYS G 30 4.16 4.24 -53.61
C LYS G 30 4.87 3.15 -54.41
N LYS G 31 5.78 2.41 -53.78
CA LYS G 31 6.48 1.35 -54.49
C LYS G 31 5.61 0.08 -54.50
N GLY G 32 5.34 -0.44 -53.31
CA GLY G 32 4.53 -1.63 -53.17
C GLY G 32 5.23 -2.63 -52.26
N TYR G 33 5.85 -2.11 -51.19
CA TYR G 33 6.59 -2.95 -50.25
C TYR G 33 5.70 -4.04 -49.63
N GLU G 34 5.95 -5.29 -50.02
CA GLU G 34 5.20 -6.44 -49.50
C GLU G 34 5.72 -6.88 -48.14
N GLY G 35 6.27 -5.93 -47.38
CA GLY G 35 6.81 -6.23 -46.06
C GLY G 35 6.21 -5.37 -44.94
N ILE G 36 5.25 -4.51 -45.31
CA ILE G 36 4.57 -3.63 -44.37
C ILE G 36 3.05 -3.74 -44.52
N ILE G 37 2.37 -3.84 -43.40
CA ILE G 37 0.92 -3.93 -43.37
C ILE G 37 0.36 -2.72 -42.64
N VAL G 38 -0.14 -1.76 -43.40
CA VAL G 38 -0.72 -0.55 -42.83
C VAL G 38 -2.12 -0.84 -42.28
N VAL G 39 -2.27 -0.68 -40.97
CA VAL G 39 -3.55 -0.94 -40.30
C VAL G 39 -4.22 0.34 -39.78
N ASP G 40 -5.51 0.46 -40.07
CA ASP G 40 -6.32 1.61 -39.65
C ASP G 40 -7.03 1.23 -38.33
N VAL G 41 -6.68 1.93 -37.27
CA VAL G 41 -7.22 1.67 -35.95
C VAL G 41 -8.55 2.37 -35.70
N ARG G 42 -8.90 3.31 -36.57
CA ARG G 42 -10.16 4.05 -36.43
C ARG G 42 -11.38 3.11 -36.59
N ASP G 43 -12.58 3.63 -36.30
CA ASP G 43 -13.79 2.84 -36.42
C ASP G 43 -14.03 2.43 -37.87
N ALA G 44 -14.78 1.35 -38.05
CA ALA G 44 -15.11 0.82 -39.37
C ALA G 44 -15.73 1.89 -40.27
N GLU G 45 -16.63 2.70 -39.72
CA GLU G 45 -17.27 3.74 -40.52
C GLU G 45 -16.26 4.76 -41.03
N ALA G 46 -15.34 5.19 -40.17
CA ALA G 46 -14.32 6.16 -40.56
C ALA G 46 -13.46 5.59 -41.69
N TYR G 47 -13.16 4.31 -41.59
CA TYR G 47 -12.34 3.65 -42.61
C TYR G 47 -13.05 3.54 -43.95
N LYS G 48 -14.36 3.33 -43.91
CA LYS G 48 -15.11 3.18 -45.14
C LYS G 48 -15.32 4.53 -45.84
N GLU G 49 -15.31 5.62 -45.08
CA GLU G 49 -15.48 6.94 -45.68
C GLU G 49 -14.23 7.34 -46.44
N CYS G 50 -13.07 6.95 -45.90
CA CYS G 50 -11.79 7.24 -46.53
C CYS G 50 -10.67 6.74 -45.63
N HIS G 51 -9.56 6.36 -46.25
CA HIS G 51 -8.43 5.84 -45.50
C HIS G 51 -7.16 5.86 -46.35
N ILE G 52 -6.03 5.67 -45.69
CA ILE G 52 -4.75 5.65 -46.39
C ILE G 52 -4.71 4.45 -47.37
N PRO G 53 -4.24 4.68 -48.61
CA PRO G 53 -4.14 3.66 -49.66
C PRO G 53 -3.48 2.36 -49.23
N THR G 54 -4.09 1.25 -49.61
CA THR G 54 -3.59 -0.10 -49.29
C THR G 54 -3.65 -0.46 -47.81
N ALA G 55 -4.37 0.32 -47.01
CA ALA G 55 -4.46 0.04 -45.58
C ALA G 55 -5.64 -0.87 -45.27
N ILE G 56 -5.50 -1.72 -44.27
CA ILE G 56 -6.59 -2.63 -43.91
C ILE G 56 -7.31 -2.06 -42.67
N SER G 57 -8.52 -2.52 -42.42
CA SER G 57 -9.29 -2.04 -41.29
C SER G 57 -9.34 -2.99 -40.08
N ILE G 58 -8.86 -2.52 -38.94
CA ILE G 58 -8.88 -3.32 -37.73
C ILE G 58 -9.00 -2.38 -36.55
N PRO G 59 -10.24 -2.04 -36.15
CA PRO G 59 -10.47 -1.15 -35.02
C PRO G 59 -9.64 -1.51 -33.77
N GLY G 60 -9.13 -0.49 -33.11
CA GLY G 60 -8.29 -0.70 -31.93
C GLY G 60 -8.77 -1.66 -30.86
N ASN G 61 -9.94 -1.40 -30.28
CA ASN G 61 -10.47 -2.28 -29.24
C ASN G 61 -11.01 -3.57 -29.83
N LYS G 62 -10.48 -3.96 -30.98
CA LYS G 62 -10.93 -5.18 -31.64
C LYS G 62 -9.70 -5.97 -32.09
N ILE G 63 -8.53 -5.54 -31.64
CA ILE G 63 -7.29 -6.21 -32.01
C ILE G 63 -7.01 -7.39 -31.12
N ASN G 64 -7.01 -8.58 -31.71
CA ASN G 64 -6.73 -9.82 -30.99
C ASN G 64 -6.18 -10.85 -31.97
N GLU G 65 -6.07 -12.10 -31.51
CA GLU G 65 -5.55 -13.17 -32.35
C GLU G 65 -6.52 -13.64 -33.42
N ASP G 66 -7.80 -13.35 -33.23
CA ASP G 66 -8.81 -13.73 -34.20
C ASP G 66 -8.76 -12.83 -35.42
N THR G 67 -8.37 -11.57 -35.20
CA THR G 67 -8.28 -10.60 -36.27
C THR G 67 -6.89 -10.47 -36.82
N THR G 68 -5.91 -11.09 -36.19
CA THR G 68 -4.54 -10.99 -36.68
C THR G 68 -3.94 -12.33 -37.11
N LYS G 69 -4.78 -13.36 -37.18
CA LYS G 69 -4.34 -14.69 -37.58
C LYS G 69 -3.97 -14.75 -39.06
N ARG G 70 -4.65 -13.95 -39.88
CA ARG G 70 -4.36 -13.91 -41.31
C ARG G 70 -3.20 -12.97 -41.65
N LEU G 71 -2.73 -12.24 -40.66
CA LEU G 71 -1.62 -11.30 -40.86
C LEU G 71 -0.27 -12.00 -40.68
N SER G 72 0.65 -11.76 -41.61
CA SER G 72 1.98 -12.37 -41.58
C SER G 72 2.92 -11.70 -40.57
N LYS G 73 3.44 -12.48 -39.62
CA LYS G 73 4.37 -11.91 -38.63
C LYS G 73 5.73 -11.66 -39.27
N GLU G 74 5.81 -11.88 -40.57
CA GLU G 74 7.03 -11.67 -41.33
C GLU G 74 7.08 -10.22 -41.77
N LYS G 75 5.92 -9.55 -41.77
CA LYS G 75 5.83 -8.15 -42.16
C LYS G 75 5.79 -7.20 -40.96
N VAL G 76 6.01 -5.91 -41.20
CA VAL G 76 6.00 -4.93 -40.12
C VAL G 76 4.65 -4.21 -40.09
N ILE G 77 3.95 -4.30 -38.96
CA ILE G 77 2.66 -3.63 -38.86
C ILE G 77 2.84 -2.13 -38.61
N ILE G 78 2.03 -1.34 -39.30
CA ILE G 78 2.08 0.11 -39.14
C ILE G 78 0.69 0.62 -38.81
N THR G 79 0.47 0.97 -37.54
CA THR G 79 -0.83 1.47 -37.10
C THR G 79 -0.94 2.98 -37.24
N TYR G 80 -2.16 3.48 -37.36
CA TYR G 80 -2.38 4.92 -37.45
C TYR G 80 -3.84 5.30 -37.08
N CYS G 81 -3.98 6.38 -36.32
CA CYS G 81 -5.30 6.84 -35.90
C CYS G 81 -5.61 8.14 -36.63
N TRP G 82 -6.42 9.00 -36.01
CA TRP G 82 -6.80 10.28 -36.58
C TRP G 82 -5.69 11.32 -36.68
N GLY G 83 -5.11 11.70 -35.54
CA GLY G 83 -4.05 12.70 -35.56
C GLY G 83 -3.23 12.72 -34.28
N PRO G 84 -2.44 13.79 -34.03
CA PRO G 84 -1.59 13.94 -32.83
C PRO G 84 -2.33 13.87 -31.49
N ALA G 85 -3.62 14.23 -31.51
CA ALA G 85 -4.40 14.22 -30.28
C ALA G 85 -4.96 12.84 -29.94
N CYS G 86 -4.74 11.85 -30.81
CA CYS G 86 -5.26 10.52 -30.57
C CYS G 86 -4.21 9.55 -30.02
N ASN G 87 -4.65 8.52 -29.31
CA ASN G 87 -3.76 7.50 -28.72
C ASN G 87 -3.85 6.18 -29.47
N GLY G 88 -4.91 6.05 -30.26
CA GLY G 88 -5.17 4.85 -31.02
C GLY G 88 -3.96 4.13 -31.54
N ALA G 89 -3.15 4.84 -32.32
CA ALA G 89 -1.94 4.26 -32.91
C ALA G 89 -1.02 3.67 -31.83
N THR G 90 -0.76 4.43 -30.75
CA THR G 90 0.10 3.96 -29.69
C THR G 90 -0.51 2.77 -28.96
N LYS G 91 -1.78 2.91 -28.58
CA LYS G 91 -2.47 1.82 -27.89
C LYS G 91 -2.42 0.55 -28.75
N ALA G 92 -2.92 0.67 -29.98
CA ALA G 92 -2.94 -0.46 -30.91
C ALA G 92 -1.53 -1.06 -31.08
N ALA G 93 -0.52 -0.19 -31.17
CA ALA G 93 0.85 -0.65 -31.33
C ALA G 93 1.19 -1.63 -30.21
N ALA G 94 0.74 -1.31 -29.00
CA ALA G 94 1.00 -2.15 -27.85
C ALA G 94 0.38 -3.53 -28.01
N LYS G 95 -0.86 -3.56 -28.45
CA LYS G 95 -1.57 -4.84 -28.62
C LYS G 95 -0.89 -5.70 -29.67
N PHE G 96 -0.39 -5.07 -30.72
CA PHE G 96 0.30 -5.80 -31.79
C PHE G 96 1.64 -6.35 -31.28
N ALA G 97 2.41 -5.50 -30.63
CA ALA G 97 3.70 -5.93 -30.08
C ALA G 97 3.45 -7.06 -29.08
N GLN G 98 2.32 -7.00 -28.38
CA GLN G 98 1.99 -8.02 -27.41
C GLN G 98 1.62 -9.32 -28.10
N LEU G 99 1.13 -9.23 -29.33
CA LEU G 99 0.77 -10.43 -30.10
C LEU G 99 1.96 -10.95 -30.90
N GLY G 100 3.15 -10.44 -30.60
CA GLY G 100 4.34 -10.90 -31.27
C GLY G 100 4.59 -10.34 -32.64
N PHE G 101 3.97 -9.19 -32.94
CA PHE G 101 4.16 -8.55 -34.24
C PHE G 101 5.21 -7.46 -34.16
N ARG G 102 5.83 -7.19 -35.29
CA ARG G 102 6.85 -6.17 -35.44
C ARG G 102 6.09 -4.88 -35.77
N VAL G 103 5.52 -4.26 -34.74
CA VAL G 103 4.71 -3.06 -34.91
C VAL G 103 5.48 -1.75 -34.96
N LYS G 104 4.86 -0.74 -35.57
CA LYS G 104 5.46 0.58 -35.67
C LYS G 104 4.29 1.57 -35.83
N GLU G 105 4.21 2.58 -34.97
CA GLU G 105 3.10 3.54 -35.07
C GLU G 105 3.42 4.71 -36.00
N LEU G 106 2.39 5.20 -36.68
CA LEU G 106 2.56 6.31 -37.61
C LEU G 106 2.23 7.64 -36.90
N ILE G 107 3.25 8.39 -36.53
CA ILE G 107 3.00 9.65 -35.86
C ILE G 107 2.33 10.62 -36.82
N GLY G 108 1.19 11.17 -36.40
CA GLY G 108 0.46 12.12 -37.23
C GLY G 108 -0.92 11.66 -37.65
N GLY G 109 -1.02 10.38 -38.00
CA GLY G 109 -2.29 9.81 -38.42
C GLY G 109 -2.81 10.39 -39.73
N ILE G 110 -4.11 10.19 -39.98
CA ILE G 110 -4.73 10.70 -41.20
C ILE G 110 -4.54 12.20 -41.40
N GLU G 111 -4.62 12.94 -40.31
CA GLU G 111 -4.46 14.39 -40.36
C GLU G 111 -3.17 14.82 -41.10
N TYR G 112 -2.03 14.29 -40.68
CA TYR G 112 -0.77 14.64 -41.32
C TYR G 112 -0.72 14.08 -42.74
N TRP G 113 -1.24 12.86 -42.90
CA TRP G 113 -1.24 12.25 -44.22
C TRP G 113 -1.99 13.11 -45.24
N ARG G 114 -3.18 13.60 -44.89
CA ARG G 114 -3.97 14.43 -45.81
C ARG G 114 -3.17 15.61 -46.34
N LYS G 115 -2.53 16.34 -45.42
CA LYS G 115 -1.77 17.52 -45.79
C LYS G 115 -0.71 17.22 -46.85
N GLU G 116 -0.14 16.03 -46.82
CA GLU G 116 0.87 15.69 -47.80
C GLU G 116 0.17 15.36 -49.15
N ASN G 117 -1.16 15.16 -49.15
CA ASN G 117 -1.85 14.98 -50.43
C ASN G 117 -1.42 16.17 -51.35
N ASN H 4 11.92 -5.96 -31.58
CA ASN H 4 11.57 -7.11 -30.69
C ASN H 4 10.24 -6.78 -30.02
N PRO H 5 9.23 -7.62 -30.26
CA PRO H 5 7.87 -7.51 -29.73
C PRO H 5 7.79 -7.08 -28.26
N ASN H 6 8.58 -7.72 -27.40
CA ASN H 6 8.57 -7.39 -25.98
C ASN H 6 9.06 -5.98 -25.70
N GLU H 7 10.15 -5.58 -26.35
CA GLU H 7 10.72 -4.26 -26.17
C GLU H 7 9.67 -3.22 -26.55
N ALA H 8 9.02 -3.46 -27.67
CA ALA H 8 7.97 -2.55 -28.17
C ALA H 8 6.82 -2.45 -27.17
N TYR H 9 6.34 -3.59 -26.72
CA TYR H 9 5.24 -3.60 -25.75
C TYR H 9 5.53 -2.68 -24.56
N ARG H 10 6.70 -2.86 -23.93
CA ARG H 10 7.07 -2.06 -22.78
C ARG H 10 7.15 -0.60 -23.12
N HIS H 11 7.65 -0.32 -24.33
CA HIS H 11 7.78 1.06 -24.78
C HIS H 11 6.42 1.76 -24.88
N TYR H 12 5.50 1.12 -25.61
CA TYR H 12 4.16 1.67 -25.79
C TYR H 12 3.39 1.75 -24.46
N MSE H 13 3.59 0.74 -23.61
CA MSE H 13 2.92 0.72 -22.32
C MSE H 13 3.39 1.89 -21.46
O MSE H 13 2.59 2.65 -20.94
CB MSE H 13 3.18 -0.60 -21.61
CG MSE H 13 2.38 -1.77 -22.14
SE MSE H 13 0.48 -1.38 -22.25
CE MSE H 13 0.16 -0.62 -20.46
N LYS H 14 4.71 2.05 -21.34
CA LYS H 14 5.25 3.15 -20.54
C LYS H 14 4.79 4.51 -21.08
N LYS H 15 4.90 4.67 -22.40
CA LYS H 15 4.49 5.92 -23.01
C LYS H 15 3.08 6.26 -22.58
N LEU H 16 2.18 5.28 -22.65
CA LEU H 16 0.79 5.51 -22.26
C LEU H 16 0.67 5.88 -20.79
N SER H 17 1.64 5.50 -19.98
CA SER H 17 1.57 5.81 -18.56
C SER H 17 2.09 7.20 -18.24
N TYR H 18 2.79 7.79 -19.20
CA TYR H 18 3.35 9.11 -18.99
C TYR H 18 2.48 10.22 -19.57
N GLU H 19 1.74 9.90 -20.63
CA GLU H 19 0.91 10.90 -21.28
C GLU H 19 -0.54 10.47 -21.42
N THR H 20 -1.41 11.45 -21.63
CA THR H 20 -2.83 11.19 -21.80
C THR H 20 -3.33 12.03 -22.97
N ASP H 21 -4.45 11.62 -23.58
CA ASP H 21 -4.98 12.38 -24.70
C ASP H 21 -6.27 13.10 -24.35
N ILE H 22 -6.78 13.88 -25.29
CA ILE H 22 -8.01 14.64 -25.08
C ILE H 22 -9.21 13.78 -24.77
N ALA H 23 -9.38 12.71 -25.52
CA ALA H 23 -10.50 11.80 -25.31
C ALA H 23 -10.58 11.28 -23.89
N ASP H 24 -9.54 10.57 -23.47
CA ASP H 24 -9.49 9.98 -22.13
C ASP H 24 -9.72 11.00 -21.03
N LEU H 25 -9.07 12.16 -21.13
CA LEU H 25 -9.20 13.23 -20.14
C LEU H 25 -10.65 13.73 -20.16
N SER H 26 -11.18 13.90 -21.36
CA SER H 26 -12.53 14.36 -21.54
C SER H 26 -13.52 13.47 -20.83
N ILE H 27 -13.41 12.17 -21.03
CA ILE H 27 -14.30 11.20 -20.41
C ILE H 27 -14.24 11.28 -18.89
N ASP H 28 -13.04 11.38 -18.33
CA ASP H 28 -12.88 11.46 -16.89
C ASP H 28 -13.63 12.63 -16.30
N ILE H 29 -13.39 13.81 -16.85
CA ILE H 29 -14.07 15.03 -16.37
C ILE H 29 -15.59 14.92 -16.48
N LYS H 30 -16.06 14.42 -17.62
CA LYS H 30 -17.49 14.26 -17.90
C LYS H 30 -18.17 13.38 -16.87
N LYS H 31 -17.60 12.20 -16.66
CA LYS H 31 -18.14 11.23 -15.71
C LYS H 31 -18.27 11.77 -14.28
N GLY H 32 -17.27 12.52 -13.84
CA GLY H 32 -17.27 13.08 -12.50
C GLY H 32 -16.20 12.43 -11.63
N TYR H 33 -15.37 11.59 -12.22
CA TYR H 33 -14.31 10.89 -11.49
C TYR H 33 -13.44 11.87 -10.70
N GLU H 34 -13.59 11.85 -9.39
CA GLU H 34 -12.85 12.73 -8.51
C GLU H 34 -11.48 12.16 -8.13
N GLY H 35 -10.85 11.44 -9.06
CA GLY H 35 -9.55 10.85 -8.77
C GLY H 35 -8.36 11.46 -9.50
N ILE H 36 -8.61 12.47 -10.32
CA ILE H 36 -7.54 13.14 -11.07
C ILE H 36 -7.61 14.63 -10.75
N ILE H 37 -6.50 15.34 -10.93
CA ILE H 37 -6.45 16.78 -10.65
C ILE H 37 -5.82 17.49 -11.86
N VAL H 38 -6.68 18.09 -12.69
CA VAL H 38 -6.21 18.79 -13.88
C VAL H 38 -5.62 20.15 -13.47
N VAL H 39 -4.33 20.33 -13.75
CA VAL H 39 -3.63 21.55 -13.43
C VAL H 39 -3.21 22.34 -14.66
N ASP H 40 -3.49 23.63 -14.65
CA ASP H 40 -3.14 24.53 -15.75
C ASP H 40 -1.79 25.17 -15.42
N VAL H 41 -0.79 24.89 -16.24
CA VAL H 41 0.56 25.39 -16.04
C VAL H 41 0.78 26.79 -16.60
N ARG H 42 -0.16 27.25 -17.44
CA ARG H 42 -0.06 28.58 -18.05
C ARG H 42 -0.12 29.71 -17.01
N ASP H 43 0.14 30.95 -17.43
CA ASP H 43 0.11 32.08 -16.52
C ASP H 43 -1.29 32.30 -15.96
N ALA H 44 -1.34 32.95 -14.80
CA ALA H 44 -2.60 33.21 -14.11
C ALA H 44 -3.58 33.94 -15.02
N GLU H 45 -3.09 34.89 -15.79
CA GLU H 45 -3.97 35.65 -16.66
C GLU H 45 -4.60 34.76 -17.73
N ALA H 46 -3.80 33.88 -18.32
CA ALA H 46 -4.30 32.98 -19.35
C ALA H 46 -5.41 32.09 -18.79
N TYR H 47 -5.19 31.62 -17.56
CA TYR H 47 -6.17 30.75 -16.91
C TYR H 47 -7.46 31.46 -16.59
N LYS H 48 -7.37 32.75 -16.26
CA LYS H 48 -8.57 33.50 -15.93
C LYS H 48 -9.40 33.84 -17.18
N GLU H 49 -8.74 33.95 -18.33
CA GLU H 49 -9.46 34.25 -19.56
C GLU H 49 -10.27 33.04 -20.00
N CYS H 50 -9.71 31.86 -19.79
CA CYS H 50 -10.37 30.61 -20.14
C CYS H 50 -9.46 29.45 -19.82
N HIS H 51 -10.06 28.31 -19.48
CA HIS H 51 -9.28 27.11 -19.16
C HIS H 51 -10.14 25.86 -19.24
N ILE H 52 -9.51 24.69 -19.22
CA ILE H 52 -10.23 23.44 -19.28
C ILE H 52 -11.10 23.29 -18.02
N PRO H 53 -12.35 22.82 -18.20
CA PRO H 53 -13.30 22.63 -17.10
C PRO H 53 -12.76 21.83 -15.91
N THR H 54 -13.04 22.35 -14.70
CA THR H 54 -12.62 21.71 -13.45
C THR H 54 -11.12 21.73 -13.22
N ALA H 55 -10.38 22.50 -14.02
CA ALA H 55 -8.92 22.56 -13.84
C ALA H 55 -8.53 23.65 -12.84
N ILE H 56 -7.44 23.41 -12.09
CA ILE H 56 -6.98 24.40 -11.13
C ILE H 56 -5.78 25.15 -11.71
N SER H 57 -5.50 26.33 -11.18
CA SER H 57 -4.38 27.12 -11.68
C SER H 57 -3.10 27.06 -10.83
N ILE H 58 -2.01 26.62 -11.45
CA ILE H 58 -0.73 26.55 -10.77
C ILE H 58 0.38 26.75 -11.80
N PRO H 59 0.76 28.02 -12.04
CA PRO H 59 1.81 28.35 -13.01
C PRO H 59 3.07 27.49 -12.83
N GLY H 60 3.61 27.03 -13.96
CA GLY H 60 4.80 26.19 -13.96
C GLY H 60 5.96 26.55 -13.05
N ASN H 61 6.53 27.74 -13.24
CA ASN H 61 7.66 28.17 -12.41
C ASN H 61 7.21 28.59 -11.02
N LYS H 62 6.09 28.03 -10.57
CA LYS H 62 5.56 28.36 -9.27
C LYS H 62 5.13 27.07 -8.57
N ILE H 63 5.50 25.94 -9.15
CA ILE H 63 5.16 24.64 -8.60
C ILE H 63 6.17 24.24 -7.53
N ASN H 64 5.69 24.07 -6.30
CA ASN H 64 6.52 23.69 -5.17
C ASN H 64 5.63 23.05 -4.10
N GLU H 65 6.20 22.81 -2.92
CA GLU H 65 5.45 22.19 -1.85
C GLU H 65 4.46 23.12 -1.19
N ASP H 66 4.65 24.42 -1.37
CA ASP H 66 3.73 25.39 -0.79
C ASP H 66 2.43 25.44 -1.59
N THR H 67 2.54 25.19 -2.89
CA THR H 67 1.38 25.22 -3.77
C THR H 67 0.79 23.84 -3.99
N THR H 68 1.45 22.79 -3.52
CA THR H 68 0.92 21.45 -3.71
C THR H 68 0.61 20.74 -2.40
N LYS H 69 0.64 21.48 -1.30
CA LYS H 69 0.35 20.90 0.01
C LYS H 69 -1.11 20.51 0.16
N ARG H 70 -1.99 21.29 -0.47
CA ARG H 70 -3.43 21.01 -0.41
C ARG H 70 -3.88 19.95 -1.42
N LEU H 71 -2.98 19.53 -2.30
CA LEU H 71 -3.29 18.53 -3.32
C LEU H 71 -3.06 17.12 -2.78
N SER H 72 -4.03 16.24 -3.02
CA SER H 72 -3.95 14.85 -2.57
C SER H 72 -3.03 13.97 -3.44
N LYS H 73 -2.01 13.36 -2.80
CA LYS H 73 -1.09 12.50 -3.55
C LYS H 73 -1.77 11.18 -3.87
N GLU H 74 -3.04 11.10 -3.53
CA GLU H 74 -3.84 9.90 -3.79
C GLU H 74 -4.41 10.01 -5.20
N LYS H 75 -4.43 11.23 -5.74
CA LYS H 75 -4.95 11.46 -7.08
C LYS H 75 -3.84 11.60 -8.13
N VAL H 76 -4.21 11.50 -9.39
CA VAL H 76 -3.23 11.62 -10.47
C VAL H 76 -3.24 13.03 -11.03
N ILE H 77 -2.10 13.71 -10.99
CA ILE H 77 -2.06 15.06 -11.53
C ILE H 77 -1.96 15.04 -13.06
N ILE H 78 -2.68 15.93 -13.71
CA ILE H 78 -2.64 16.01 -15.15
C ILE H 78 -2.32 17.45 -15.55
N THR H 79 -1.09 17.68 -16.03
CA THR H 79 -0.69 19.03 -16.41
C THR H 79 -0.98 19.28 -17.88
N TYR H 80 -1.08 20.56 -18.24
CA TYR H 80 -1.31 20.94 -19.63
C TYR H 80 -0.95 22.40 -19.88
N CYS H 81 -0.30 22.67 -21.02
CA CYS H 81 0.11 24.02 -21.37
C CYS H 81 -0.71 24.47 -22.58
N TRP H 82 -0.15 25.37 -23.38
CA TRP H 82 -0.83 25.88 -24.55
C TRP H 82 -1.03 24.88 -25.69
N GLY H 83 0.06 24.34 -26.23
CA GLY H 83 -0.06 23.39 -27.33
C GLY H 83 1.19 22.54 -27.55
N PRO H 84 1.33 21.89 -28.72
CA PRO H 84 2.48 21.05 -29.05
C PRO H 84 3.82 21.76 -29.03
N ALA H 85 3.81 23.07 -29.26
CA ALA H 85 5.04 23.84 -29.28
C ALA H 85 5.50 24.25 -27.89
N CYS H 86 4.72 23.93 -26.85
CA CYS H 86 5.10 24.32 -25.50
C CYS H 86 5.71 23.16 -24.70
N ASN H 87 6.51 23.50 -23.70
CA ASN H 87 7.18 22.52 -22.81
C ASN H 87 6.57 22.48 -21.43
N GLY H 88 5.79 23.51 -21.14
CA GLY H 88 5.15 23.65 -19.85
C GLY H 88 4.67 22.37 -19.23
N ALA H 89 3.81 21.64 -19.95
CA ALA H 89 3.27 20.39 -19.45
C ALA H 89 4.37 19.41 -19.02
N THR H 90 5.36 19.21 -19.90
CA THR H 90 6.48 18.31 -19.62
C THR H 90 7.32 18.79 -18.45
N LYS H 91 7.73 20.06 -18.48
CA LYS H 91 8.54 20.61 -17.39
C LYS H 91 7.79 20.44 -16.08
N ALA H 92 6.54 20.94 -16.03
CA ALA H 92 5.69 20.86 -14.84
C ALA H 92 5.56 19.43 -14.37
N ALA H 93 5.36 18.51 -15.32
CA ALA H 93 5.21 17.09 -14.98
C ALA H 93 6.43 16.62 -14.18
N ALA H 94 7.60 17.12 -14.53
CA ALA H 94 8.82 16.74 -13.84
C ALA H 94 8.78 17.21 -12.40
N LYS H 95 8.37 18.46 -12.21
CA LYS H 95 8.33 19.03 -10.87
C LYS H 95 7.34 18.30 -9.97
N PHE H 96 6.24 17.84 -10.56
CA PHE H 96 5.24 17.12 -9.81
C PHE H 96 5.75 15.73 -9.44
N ALA H 97 6.35 15.05 -10.42
CA ALA H 97 6.89 13.73 -10.18
C ALA H 97 7.98 13.84 -9.11
N GLN H 98 8.69 14.95 -9.12
CA GLN H 98 9.76 15.18 -8.15
C GLN H 98 9.20 15.41 -6.74
N LEU H 99 7.97 15.91 -6.67
CA LEU H 99 7.33 16.17 -5.38
C LEU H 99 6.58 14.93 -4.92
N GLY H 100 6.80 13.81 -5.60
CA GLY H 100 6.15 12.57 -5.21
C GLY H 100 4.72 12.39 -5.68
N PHE H 101 4.33 13.12 -6.71
CA PHE H 101 2.99 13.02 -7.23
C PHE H 101 2.96 12.10 -8.44
N ARG H 102 1.79 11.51 -8.66
CA ARG H 102 1.52 10.59 -9.76
C ARG H 102 1.09 11.49 -10.93
N VAL H 103 2.07 12.14 -11.56
CA VAL H 103 1.80 13.07 -12.66
C VAL H 103 1.62 12.42 -14.04
N LYS H 104 0.97 13.15 -14.93
CA LYS H 104 0.74 12.68 -16.30
C LYS H 104 0.49 13.93 -17.15
N GLU H 105 1.28 14.14 -18.19
CA GLU H 105 1.10 15.32 -19.04
C GLU H 105 0.05 15.13 -20.15
N LEU H 106 -0.66 16.21 -20.44
CA LEU H 106 -1.69 16.17 -21.48
C LEU H 106 -1.10 16.62 -22.81
N ILE H 107 -0.82 15.69 -23.71
CA ILE H 107 -0.26 16.06 -24.99
C ILE H 107 -1.31 16.83 -25.82
N GLY H 108 -0.92 18.01 -26.31
CA GLY H 108 -1.82 18.83 -27.09
C GLY H 108 -2.15 20.17 -26.45
N GLY H 109 -2.39 20.15 -25.15
CA GLY H 109 -2.72 21.36 -24.41
C GLY H 109 -4.06 21.96 -24.81
N ILE H 110 -4.25 23.23 -24.47
CA ILE H 110 -5.50 23.91 -24.78
C ILE H 110 -5.85 23.87 -26.26
N GLU H 111 -4.83 24.01 -27.10
CA GLU H 111 -5.01 24.01 -28.54
C GLU H 111 -5.80 22.80 -29.02
N TYR H 112 -5.36 21.60 -28.63
CA TYR H 112 -6.06 20.37 -29.05
C TYR H 112 -7.42 20.26 -28.38
N TRP H 113 -7.48 20.66 -27.12
CA TRP H 113 -8.73 20.60 -26.39
C TRP H 113 -9.81 21.45 -27.07
N ARG H 114 -9.48 22.69 -27.43
CA ARG H 114 -10.46 23.55 -28.10
C ARG H 114 -11.10 22.90 -29.32
N LYS H 115 -10.27 22.33 -30.19
CA LYS H 115 -10.76 21.71 -31.41
C LYS H 115 -11.83 20.64 -31.15
N GLU H 116 -11.73 19.97 -29.99
CA GLU H 116 -12.67 18.90 -29.66
C GLU H 116 -13.87 19.35 -28.86
N ASN H 117 -13.56 19.77 -27.63
CA ASN H 117 -14.54 20.19 -26.63
C ASN H 117 -14.60 21.72 -26.46
N GLY H 118 -15.04 22.16 -25.28
CA GLY H 118 -15.17 23.58 -25.02
C GLY H 118 -14.54 24.03 -23.72
N LEU H 119 -14.12 25.28 -23.70
CA LEU H 119 -13.50 25.91 -22.56
C LEU H 119 -14.57 26.63 -21.71
N ALA I 3 4.64 3.17 -13.77
CA ALA I 3 5.41 4.45 -13.75
C ALA I 3 5.28 5.15 -12.41
N ASN I 4 6.32 4.98 -11.57
CA ASN I 4 6.37 5.59 -10.25
C ASN I 4 6.97 6.98 -10.34
N PRO I 5 6.75 7.82 -9.31
CA PRO I 5 7.29 9.19 -9.30
C PRO I 5 8.71 9.33 -9.83
N ASN I 6 9.62 8.49 -9.36
CA ASN I 6 11.02 8.54 -9.79
C ASN I 6 11.20 8.21 -11.27
N GLU I 7 10.53 7.16 -11.73
CA GLU I 7 10.59 6.74 -13.13
C GLU I 7 10.13 7.88 -14.02
N ALA I 8 9.02 8.50 -13.62
CA ALA I 8 8.45 9.62 -14.36
C ALA I 8 9.43 10.77 -14.41
N TYR I 9 9.98 11.14 -13.27
CA TYR I 9 10.92 12.25 -13.22
C TYR I 9 12.06 12.07 -14.23
N ARG I 10 12.69 10.90 -14.23
CA ARG I 10 13.78 10.62 -15.17
C ARG I 10 13.32 10.69 -16.62
N HIS I 11 12.10 10.22 -16.86
CA HIS I 11 11.54 10.23 -18.19
C HIS I 11 11.37 11.64 -18.72
N TYR I 12 10.69 12.49 -17.94
CA TYR I 12 10.47 13.88 -18.32
C TYR I 12 11.78 14.67 -18.42
N MSE I 13 12.71 14.40 -17.50
CA MSE I 13 13.99 15.08 -17.52
C MSE I 13 14.75 14.73 -18.80
O MSE I 13 15.19 15.62 -19.53
CB MSE I 13 14.82 14.69 -16.30
CG MSE I 13 14.38 15.35 -14.98
SE MSE I 13 14.36 17.34 -14.96
CE MSE I 13 15.95 17.72 -16.04
N LYS I 14 14.90 13.43 -19.10
CA LYS I 14 15.60 13.00 -20.32
C LYS I 14 14.95 13.59 -21.58
N LYS I 15 13.63 13.51 -21.65
CA LYS I 15 12.90 14.03 -22.78
C LYS I 15 13.29 15.49 -23.01
N LEU I 16 13.30 16.27 -21.94
CA LEU I 16 13.66 17.68 -22.04
C LEU I 16 15.09 17.86 -22.53
N SER I 17 15.95 16.87 -22.29
CA SER I 17 17.34 16.96 -22.71
C SER I 17 17.54 16.60 -24.17
N TYR I 18 16.56 15.93 -24.74
CA TYR I 18 16.64 15.53 -26.13
C TYR I 18 15.97 16.52 -27.08
N GLU I 19 14.93 17.19 -26.61
CA GLU I 19 14.21 18.13 -27.46
C GLU I 19 14.12 19.54 -26.87
N THR I 20 13.81 20.49 -27.73
CA THR I 20 13.68 21.89 -27.32
C THR I 20 12.45 22.47 -28.01
N ASP I 21 11.89 23.52 -27.44
CA ASP I 21 10.70 24.13 -28.04
C ASP I 21 11.00 25.50 -28.63
N ILE I 22 10.00 26.07 -29.31
CA ILE I 22 10.13 27.37 -29.94
C ILE I 22 10.52 28.48 -28.97
N ALA I 23 9.84 28.52 -27.83
CA ALA I 23 10.10 29.56 -26.84
C ALA I 23 11.57 29.59 -26.41
N ASP I 24 12.04 28.47 -25.88
CA ASP I 24 13.42 28.36 -25.39
C ASP I 24 14.46 28.74 -26.45
N LEU I 25 14.27 28.19 -27.66
CA LEU I 25 15.17 28.44 -28.79
C LEU I 25 15.10 29.95 -29.12
N SER I 26 13.88 30.47 -29.15
CA SER I 26 13.66 31.86 -29.45
C SER I 26 14.44 32.77 -28.51
N ILE I 27 14.35 32.50 -27.22
CA ILE I 27 15.04 33.30 -26.21
C ILE I 27 16.57 33.27 -26.42
N ASP I 28 17.11 32.09 -26.67
CA ASP I 28 18.54 31.95 -26.89
C ASP I 28 19.03 32.83 -28.04
N ILE I 29 18.38 32.72 -29.19
CA ILE I 29 18.75 33.51 -30.36
C ILE I 29 18.66 35.03 -30.11
N LYS I 30 17.56 35.49 -29.50
CA LYS I 30 17.36 36.91 -29.20
C LYS I 30 18.58 37.45 -28.48
N GLY I 35 26.51 29.99 -28.05
CA GLY I 35 26.23 28.93 -27.10
C GLY I 35 25.68 27.71 -27.81
N ILE I 36 24.94 27.94 -28.88
CA ILE I 36 24.37 26.87 -29.68
C ILE I 36 24.65 27.14 -31.16
N ILE I 37 24.23 26.21 -32.01
CA ILE I 37 24.41 26.28 -33.46
C ILE I 37 23.17 25.71 -34.13
N VAL I 38 22.29 26.60 -34.58
CA VAL I 38 21.05 26.18 -35.24
C VAL I 38 21.31 25.71 -36.66
N VAL I 39 21.07 24.42 -36.91
CA VAL I 39 21.30 23.82 -38.22
C VAL I 39 19.99 23.47 -38.95
N ASP I 40 19.92 23.86 -40.23
CA ASP I 40 18.77 23.59 -41.07
C ASP I 40 19.06 22.33 -41.87
N VAL I 41 18.27 21.28 -41.63
CA VAL I 41 18.43 20.00 -42.28
C VAL I 41 17.74 19.89 -43.63
N ARG I 42 16.91 20.87 -43.95
CA ARG I 42 16.18 20.86 -45.23
C ARG I 42 17.16 21.03 -46.40
N ASP I 43 16.66 20.88 -47.62
CA ASP I 43 17.50 21.02 -48.80
C ASP I 43 18.05 22.44 -48.93
N ALA I 44 19.15 22.57 -49.66
CA ALA I 44 19.81 23.86 -49.87
C ALA I 44 18.84 24.91 -50.43
N GLU I 45 17.99 24.49 -51.37
CA GLU I 45 17.06 25.42 -51.98
C GLU I 45 16.05 25.97 -50.97
N ALA I 46 15.54 25.09 -50.11
CA ALA I 46 14.58 25.50 -49.10
C ALA I 46 15.20 26.50 -48.15
N TYR I 47 16.45 26.27 -47.80
CA TYR I 47 17.17 27.16 -46.90
C TYR I 47 17.43 28.53 -47.52
N LYS I 48 17.66 28.56 -48.83
CA LYS I 48 17.95 29.82 -49.49
C LYS I 48 16.67 30.67 -49.64
N GLU I 49 15.52 30.02 -49.73
CA GLU I 49 14.27 30.74 -49.89
C GLU I 49 13.91 31.44 -48.59
N CYS I 50 14.20 30.77 -47.49
CA CYS I 50 13.95 31.31 -46.15
C CYS I 50 14.36 30.30 -45.09
N HIS I 51 14.76 30.80 -43.94
CA HIS I 51 15.18 29.92 -42.84
C HIS I 51 15.18 30.68 -41.51
N ILE I 52 15.28 29.92 -40.41
CA ILE I 52 15.31 30.53 -39.09
C ILE I 52 16.58 31.39 -38.96
N PRO I 53 16.45 32.60 -38.36
CA PRO I 53 17.55 33.54 -38.17
C PRO I 53 18.79 32.96 -37.52
N THR I 54 19.95 33.26 -38.09
CA THR I 54 21.25 32.80 -37.58
C THR I 54 21.48 31.31 -37.75
N ALA I 55 20.65 30.65 -38.54
CA ALA I 55 20.82 29.21 -38.73
C ALA I 55 21.75 28.91 -39.92
N ILE I 56 22.50 27.82 -39.83
CA ILE I 56 23.39 27.44 -40.93
C ILE I 56 22.76 26.30 -41.73
N SER I 57 23.18 26.14 -42.98
CA SER I 57 22.65 25.10 -43.83
C SER I 57 23.49 23.83 -43.94
N ILE I 58 22.91 22.69 -43.57
CA ILE I 58 23.63 21.42 -43.67
C ILE I 58 22.59 20.33 -43.90
N PRO I 59 22.25 20.08 -45.18
CA PRO I 59 21.26 19.06 -45.51
C PRO I 59 21.50 17.72 -44.76
N GLY I 60 20.41 17.11 -44.31
CA GLY I 60 20.47 15.86 -43.57
C GLY I 60 21.36 14.76 -44.11
N ASN I 61 21.07 14.29 -45.32
CA ASN I 61 21.87 13.21 -45.91
C ASN I 61 23.23 13.72 -46.38
N LYS I 62 23.71 14.77 -45.76
CA LYS I 62 24.99 15.35 -46.14
C LYS I 62 25.78 15.66 -44.86
N ILE I 63 25.28 15.15 -43.74
CA ILE I 63 25.93 15.40 -42.46
C ILE I 63 27.03 14.37 -42.23
N ASN I 64 28.27 14.86 -42.12
CA ASN I 64 29.42 14.01 -41.89
C ASN I 64 30.52 14.85 -41.26
N GLU I 65 31.72 14.26 -41.14
CA GLU I 65 32.84 14.96 -40.53
C GLU I 65 33.44 16.06 -41.42
N ASP I 66 33.16 15.99 -42.72
CA ASP I 66 33.68 16.98 -43.64
C ASP I 66 32.87 18.26 -43.50
N THR I 67 31.59 18.12 -43.17
CA THR I 67 30.70 19.26 -43.02
C THR I 67 30.56 19.74 -41.59
N THR I 68 31.11 18.99 -40.64
CA THR I 68 31.01 19.40 -39.24
C THR I 68 32.38 19.66 -38.60
N LYS I 69 33.42 19.71 -39.42
CA LYS I 69 34.78 19.95 -38.92
C LYS I 69 34.95 21.38 -38.42
N ARG I 70 34.25 22.32 -39.04
CA ARG I 70 34.33 23.72 -38.65
C ARG I 70 33.40 24.05 -37.49
N LEU I 71 32.56 23.10 -37.10
CA LEU I 71 31.62 23.31 -36.00
C LEU I 71 32.25 22.96 -34.65
N SER I 72 32.07 23.85 -33.68
CA SER I 72 32.63 23.64 -32.34
C SER I 72 31.85 22.64 -31.50
N LYS I 73 32.51 21.59 -31.02
CA LYS I 73 31.84 20.59 -30.20
C LYS I 73 31.60 21.15 -28.80
N GLU I 74 31.95 22.43 -28.63
CA GLU I 74 31.77 23.10 -27.36
C GLU I 74 30.35 23.67 -27.30
N LYS I 75 29.71 23.79 -28.46
CA LYS I 75 28.36 24.32 -28.55
C LYS I 75 27.32 23.20 -28.73
N VAL I 76 26.06 23.54 -28.49
CA VAL I 76 24.97 22.56 -28.62
C VAL I 76 24.30 22.69 -29.98
N ILE I 77 24.31 21.62 -30.77
CA ILE I 77 23.67 21.68 -32.08
C ILE I 77 22.15 21.58 -31.95
N ILE I 78 21.44 22.38 -32.73
CA ILE I 78 19.98 22.35 -32.73
C ILE I 78 19.47 22.15 -34.15
N THR I 79 19.03 20.94 -34.45
CA THR I 79 18.53 20.65 -35.79
C THR I 79 17.04 20.92 -35.93
N TYR I 80 16.59 21.15 -37.16
CA TYR I 80 15.17 21.40 -37.41
C TYR I 80 14.82 21.17 -38.89
N CYS I 81 13.67 20.54 -39.12
CA CYS I 81 13.21 20.27 -40.48
C CYS I 81 11.97 21.13 -40.77
N TRP I 82 11.10 20.64 -41.63
CA TRP I 82 9.90 21.36 -42.01
C TRP I 82 8.84 21.47 -40.90
N GLY I 83 8.31 20.33 -40.46
CA GLY I 83 7.28 20.34 -39.43
C GLY I 83 7.15 19.01 -38.71
N PRO I 84 6.05 18.79 -37.96
CA PRO I 84 5.78 17.56 -37.19
C PRO I 84 5.76 16.28 -38.03
N ALA I 85 5.42 16.43 -39.30
CA ALA I 85 5.35 15.27 -40.17
C ALA I 85 6.72 14.86 -40.73
N CYS I 86 7.76 15.62 -40.41
CA CYS I 86 9.09 15.29 -40.90
C CYS I 86 9.98 14.60 -39.86
N ASN I 87 10.95 13.83 -40.33
CA ASN I 87 11.89 13.09 -39.49
C ASN I 87 13.28 13.72 -39.49
N GLY I 88 13.49 14.56 -40.50
CA GLY I 88 14.76 15.24 -40.68
C GLY I 88 15.48 15.59 -39.41
N ALA I 89 14.82 16.36 -38.55
CA ALA I 89 15.42 16.79 -37.30
C ALA I 89 15.89 15.61 -36.44
N THR I 90 15.05 14.60 -36.29
CA THR I 90 15.40 13.42 -35.49
C THR I 90 16.54 12.64 -36.15
N LYS I 91 16.40 12.36 -37.44
CA LYS I 91 17.44 11.63 -38.16
C LYS I 91 18.77 12.38 -38.00
N ALA I 92 18.77 13.65 -38.40
CA ALA I 92 19.97 14.49 -38.30
C ALA I 92 20.53 14.49 -36.89
N ALA I 93 19.66 14.60 -35.90
CA ALA I 93 20.10 14.61 -34.50
C ALA I 93 20.95 13.37 -34.23
N ALA I 94 20.53 12.24 -34.79
CA ALA I 94 21.26 10.98 -34.59
C ALA I 94 22.68 11.07 -35.16
N LYS I 95 22.78 11.57 -36.39
CA LYS I 95 24.08 11.69 -37.03
C LYS I 95 25.02 12.65 -36.26
N PHE I 96 24.46 13.71 -35.68
CA PHE I 96 25.26 14.64 -34.91
C PHE I 96 25.73 14.01 -33.59
N ALA I 97 24.81 13.33 -32.90
CA ALA I 97 25.16 12.69 -31.65
C ALA I 97 26.21 11.62 -31.94
N GLN I 98 26.13 11.02 -33.12
CA GLN I 98 27.07 9.97 -33.51
C GLN I 98 28.45 10.55 -33.80
N LEU I 99 28.49 11.83 -34.19
CA LEU I 99 29.76 12.50 -34.47
C LEU I 99 30.30 13.16 -33.21
N GLY I 100 29.71 12.81 -32.06
CA GLY I 100 30.17 13.35 -30.80
C GLY I 100 29.73 14.76 -30.46
N PHE I 101 28.65 15.21 -31.09
CA PHE I 101 28.12 16.54 -30.82
C PHE I 101 26.98 16.47 -29.81
N ARG I 102 26.80 17.59 -29.10
CA ARG I 102 25.76 17.75 -28.09
C ARG I 102 24.54 18.25 -28.87
N VAL I 103 23.85 17.32 -29.53
CA VAL I 103 22.70 17.66 -30.35
C VAL I 103 21.38 17.76 -29.61
N LYS I 104 20.42 18.48 -30.20
CA LYS I 104 19.09 18.66 -29.62
C LYS I 104 18.15 19.01 -30.78
N GLU I 105 17.09 18.24 -30.96
CA GLU I 105 16.18 18.51 -32.07
C GLU I 105 15.10 19.52 -31.71
N LEU I 106 14.70 20.33 -32.70
CA LEU I 106 13.66 21.34 -32.49
C LEU I 106 12.31 20.76 -32.92
N ILE I 107 11.47 20.42 -31.96
CA ILE I 107 10.16 19.87 -32.29
C ILE I 107 9.31 20.98 -32.90
N GLY I 108 8.73 20.68 -34.06
CA GLY I 108 7.89 21.65 -34.75
C GLY I 108 8.44 22.13 -36.09
N GLY I 109 9.74 22.37 -36.12
CA GLY I 109 10.38 22.82 -37.35
C GLY I 109 9.92 24.20 -37.79
N ILE I 110 10.19 24.54 -39.05
CA ILE I 110 9.83 25.84 -39.58
C ILE I 110 8.35 26.16 -39.40
N GLU I 111 7.50 25.15 -39.59
CA GLU I 111 6.06 25.31 -39.46
C GLU I 111 5.67 25.98 -38.16
N TYR I 112 6.11 25.41 -37.04
CA TYR I 112 5.80 25.99 -35.73
C TYR I 112 6.47 27.36 -35.54
N TRP I 113 7.71 27.46 -36.02
CA TRP I 113 8.45 28.71 -35.91
C TRP I 113 7.71 29.86 -36.61
N ARG I 114 7.22 29.63 -37.83
CA ARG I 114 6.50 30.68 -38.57
C ARG I 114 5.33 31.25 -37.76
N LYS I 115 4.51 30.36 -37.22
CA LYS I 115 3.37 30.79 -36.44
C LYS I 115 3.70 31.76 -35.30
N GLU I 116 4.88 31.61 -34.73
CA GLU I 116 5.30 32.45 -33.61
C GLU I 116 6.10 33.70 -34.01
N ASN I 117 7.33 33.43 -34.44
CA ASN I 117 8.31 34.43 -34.84
C ASN I 117 8.47 34.50 -36.36
N GLY I 118 9.35 35.39 -36.81
CA GLY I 118 9.61 35.56 -38.23
C GLY I 118 10.74 34.69 -38.75
N LEU I 119 10.72 34.36 -40.04
CA LEU I 119 11.74 33.52 -40.62
C LEU I 119 13.05 34.30 -40.66
#